data_8P6X
#
_entry.id   8P6X
#
_cell.length_a   1.00
_cell.length_b   1.00
_cell.length_c   1.00
_cell.angle_alpha   90.00
_cell.angle_beta   90.00
_cell.angle_gamma   90.00
#
_symmetry.space_group_name_H-M   'P 1'
#
loop_
_entity.id
_entity.type
_entity.pdbx_description
1 polymer 'CDK-activating kinase assembly factor MAT1'
2 polymer Cyclin-H
3 polymer 'Cyclin-dependent kinase 7'
4 non-polymer (2S,3S)-3-{[7-(benzylamino)-3-(1-methylethyl)pyrazolo[1,5-a]pyrimidin-5-yl]amino}butane-1,2,4-triol
5 water water
#
loop_
_entity_poly.entity_id
_entity_poly.type
_entity_poly.pdbx_seq_one_letter_code
_entity_poly.pdbx_strand_id
1 'polypeptide(L)'
;SNAPVTFSTGIKMGQHISLAPIHKLEEALYEYQPLQIETYGPHVPELEMLGRLGYLNHVRAASPQDLAGGYTSSLACHRA
LQDAFSGLFWQPS
;
H
2 'polypeptide(L)'
;(ACE)MYHNSSQKRHWTFSSEEQLARLRADANRKFRCKAVANGKVLPNDPVFLEPHEEMTLCKYYEKRLLEFCSVFKPAM
PRSVVGTACMYFKRFYLNNSVMEYHPRIIMLTCAFLACKVDEFNVSSPQFVGNLRESPLGQEKALEQILEYELLLIQQLN
FHLIVHNPYRPFEGFLIDLKTRYPILENPEILRKTADDFLNRIALTDAYLLYTPSQIALTAILSSASRAGITMESYLSES
LMLKENRTCLSQLLDIMKSMRNLVKKYEPPRSEEVAVLKQKLERCHSAELALNVITKKRKGYEDDDYVSKKSKHEEEEWT
DDDLVESL
;
I
3 'polypeptide(L)'
;SNAMALDVKSRAKRYEKLDFLGEGQFATVYKARDKNTNQIVAIKKIKLGHRSEAKDGINRTALREIKLLQELSHPNIIGL
LDAFGHKSNISLVFDFMETDLEVIIKDNSLVLTPSHIKAYMLMTLQGLEYLHQHWILHRDLKPNNLLLDENGVLKLADFG
LAKSFGSPNRAYTHQVVTRWYRAPELLFGARMYGVGVDMWAVGCILAELLLRVPFLPGDSDLDQLTRIFETLGTPTEEQW
PDMCSLPDYVTFKSFPGIPLHHIFSAAGDDLLDLIQGLFLFNPCARITATQALKMKYFSNRPGPTPGCQLPRPNCPVETL
KEQSNPALAIKRKRTEALEQGGLPKKLIF
;
J
#
# COMPACT_ATOMS: atom_id res chain seq x y z
N ALA A 28 5.07 3.77 -35.86
CA ALA A 28 4.13 4.10 -34.79
C ALA A 28 4.88 4.56 -33.55
N LEU A 29 5.27 5.84 -33.54
CA LEU A 29 6.06 6.37 -32.44
C LEU A 29 5.24 6.44 -31.16
N TYR A 30 5.94 6.42 -30.04
CA TYR A 30 5.31 6.54 -28.73
C TYR A 30 5.22 8.01 -28.35
N GLU A 31 4.08 8.40 -27.79
CA GLU A 31 3.87 9.73 -27.26
C GLU A 31 3.43 9.61 -25.82
N TYR A 32 4.08 10.37 -24.93
CA TYR A 32 3.74 10.29 -23.52
C TYR A 32 2.35 10.88 -23.27
N GLN A 33 1.55 10.16 -22.48
CA GLN A 33 0.26 10.64 -22.02
C GLN A 33 0.22 10.49 -20.51
N PRO A 34 -0.11 11.55 -19.77
CA PRO A 34 -0.20 11.43 -18.32
C PRO A 34 -1.30 10.46 -17.91
N LEU A 35 -1.08 9.76 -16.80
CA LEU A 35 -2.08 8.84 -16.27
C LEU A 35 -3.34 9.61 -15.90
N GLN A 36 -4.49 9.10 -16.33
CA GLN A 36 -5.78 9.74 -16.07
C GLN A 36 -6.49 8.92 -14.99
N ILE A 37 -6.24 9.26 -13.73
CA ILE A 37 -6.85 8.61 -12.59
C ILE A 37 -7.73 9.63 -11.89
N GLU A 38 -9.04 9.44 -11.97
CA GLU A 38 -9.96 10.38 -11.34
C GLU A 38 -9.83 10.29 -9.83
N THR A 39 -9.71 11.46 -9.19
CA THR A 39 -9.44 11.54 -7.76
C THR A 39 -10.68 11.82 -6.92
N TYR A 40 -11.75 12.37 -7.51
CA TYR A 40 -12.95 12.76 -6.79
C TYR A 40 -12.63 13.72 -5.65
N GLY A 41 -11.71 14.65 -5.90
CA GLY A 41 -11.33 15.62 -4.90
C GLY A 41 -10.69 16.85 -5.50
N PRO A 42 -10.29 17.79 -4.64
CA PRO A 42 -9.64 19.00 -5.14
C PRO A 42 -8.29 18.70 -5.79
N HIS A 43 -7.89 19.60 -6.68
CA HIS A 43 -6.61 19.46 -7.36
C HIS A 43 -5.46 19.52 -6.37
N VAL A 44 -4.50 18.60 -6.54
CA VAL A 44 -3.31 18.56 -5.71
C VAL A 44 -2.20 19.34 -6.42
N PRO A 45 -1.51 20.24 -5.73
CA PRO A 45 -0.40 20.95 -6.38
C PRO A 45 0.72 19.98 -6.77
N GLU A 46 1.43 20.34 -7.84
CA GLU A 46 2.46 19.47 -8.37
C GLU A 46 3.59 19.28 -7.37
N LEU A 47 4.26 18.13 -7.46
CA LEU A 47 5.30 17.77 -6.50
C LEU A 47 6.43 18.78 -6.49
N GLU A 48 6.90 19.17 -7.68
CA GLU A 48 8.00 20.13 -7.77
C GLU A 48 7.54 21.56 -7.54
N MET A 49 6.23 21.81 -7.50
CA MET A 49 5.69 23.12 -7.16
C MET A 49 5.50 23.32 -5.66
N LEU A 50 5.67 22.28 -4.85
CA LEU A 50 5.31 22.36 -3.44
C LEU A 50 6.16 23.37 -2.70
N GLY A 51 7.45 23.46 -3.03
CA GLY A 51 8.33 24.37 -2.32
C GLY A 51 7.94 25.83 -2.49
N ARG A 52 7.63 26.23 -3.73
CA ARG A 52 7.35 27.64 -4.00
C ARG A 52 5.98 28.08 -3.48
N LEU A 53 5.03 27.16 -3.34
CA LEU A 53 3.73 27.50 -2.79
C LEU A 53 3.71 27.50 -1.27
N GLY A 54 4.81 27.15 -0.62
CA GLY A 54 4.91 27.22 0.82
C GLY A 54 4.44 26.01 1.58
N TYR A 55 4.07 24.92 0.88
CA TYR A 55 3.66 23.71 1.58
C TYR A 55 4.79 23.13 2.42
N LEU A 56 6.01 23.12 1.86
CA LEU A 56 7.14 22.48 2.52
C LEU A 56 7.54 23.17 3.82
N ASN A 57 7.06 24.39 4.06
CA ASN A 57 7.29 25.05 5.33
C ASN A 57 6.51 24.42 6.48
N HIS A 58 5.59 23.50 6.17
CA HIS A 58 4.77 22.86 7.20
C HIS A 58 4.98 21.35 7.25
N VAL A 59 6.02 20.83 6.62
CA VAL A 59 6.43 19.44 6.76
C VAL A 59 7.87 19.42 7.25
N ARG A 60 8.23 18.33 7.94
CA ARG A 60 9.57 18.23 8.49
C ARG A 60 10.60 18.09 7.38
N ALA A 61 11.77 18.69 7.58
CA ALA A 61 12.81 18.68 6.57
C ALA A 61 13.54 17.34 6.57
N ALA A 62 13.83 16.83 5.37
CA ALA A 62 14.54 15.57 5.23
C ALA A 62 15.99 15.73 5.69
N SER A 63 16.48 14.73 6.41
CA SER A 63 17.86 14.73 6.88
C SER A 63 18.81 14.48 5.71
N PRO A 64 20.09 14.83 5.87
CA PRO A 64 21.04 14.57 4.78
C PRO A 64 21.09 13.12 4.34
N GLN A 65 21.02 12.18 5.27
CA GLN A 65 21.01 10.77 4.88
C GLN A 65 19.73 10.39 4.16
N ASP A 66 18.60 10.99 4.56
CA ASP A 66 17.36 10.78 3.81
C ASP A 66 17.47 11.32 2.40
N LEU A 67 18.08 12.50 2.25
CA LEU A 67 18.27 13.07 0.92
C LEU A 67 19.18 12.20 0.07
N ALA A 68 20.23 11.63 0.68
CA ALA A 68 21.19 10.82 -0.06
C ALA A 68 20.53 9.60 -0.71
N GLY A 69 19.52 9.04 -0.07
CA GLY A 69 18.81 7.91 -0.62
C GLY A 69 17.71 8.24 -1.60
N GLY A 70 17.45 9.52 -1.83
CA GLY A 70 16.39 9.93 -2.73
C GLY A 70 15.08 10.29 -2.05
N TYR A 71 15.06 10.35 -0.72
CA TYR A 71 13.85 10.72 0.01
C TYR A 71 13.87 12.22 0.29
N THR A 72 12.78 12.90 -0.07
CA THR A 72 12.64 14.33 0.17
C THR A 72 11.34 14.58 0.91
N SER A 73 11.31 15.68 1.67
CA SER A 73 10.07 16.06 2.36
C SER A 73 8.93 16.32 1.38
N SER A 74 9.27 16.66 0.14
CA SER A 74 8.24 16.86 -0.87
C SER A 74 7.41 15.58 -1.08
N LEU A 75 8.05 14.41 -0.97
CA LEU A 75 7.32 13.17 -1.12
C LEU A 75 6.25 13.02 -0.04
N ALA A 76 6.63 13.21 1.22
CA ALA A 76 5.67 13.10 2.31
C ALA A 76 4.57 14.13 2.20
N CYS A 77 4.93 15.37 1.86
CA CYS A 77 3.92 16.42 1.71
C CYS A 77 2.94 16.09 0.59
N HIS A 78 3.45 15.64 -0.56
CA HIS A 78 2.60 15.30 -1.68
C HIS A 78 1.67 14.14 -1.34
N ARG A 79 2.20 13.12 -0.66
CA ARG A 79 1.36 11.99 -0.27
C ARG A 79 0.27 12.43 0.70
N ALA A 80 0.62 13.25 1.69
CA ALA A 80 -0.38 13.71 2.65
C ALA A 80 -1.46 14.54 2.00
N LEU A 81 -1.08 15.45 1.10
CA LEU A 81 -2.08 16.26 0.40
C LEU A 81 -2.98 15.39 -0.48
N GLN A 82 -2.38 14.41 -1.18
CA GLN A 82 -3.18 13.52 -2.02
C GLN A 82 -4.17 12.73 -1.18
N ASP A 83 -3.74 12.26 -0.01
CA ASP A 83 -4.65 11.52 0.87
C ASP A 83 -5.75 12.43 1.41
N ALA A 84 -5.40 13.69 1.72
CA ALA A 84 -6.40 14.63 2.21
C ALA A 84 -7.47 14.91 1.16
N PHE A 85 -7.06 15.03 -0.10
CA PHE A 85 -8.02 15.41 -1.14
C PHE A 85 -8.69 14.22 -1.82
N SER A 86 -8.15 13.02 -1.67
CA SER A 86 -8.69 11.87 -2.39
C SER A 86 -10.12 11.58 -1.95
N GLY A 87 -11.03 11.54 -2.92
CA GLY A 87 -12.41 11.16 -2.66
C GLY A 87 -13.17 12.08 -1.74
N LEU A 88 -12.74 13.32 -1.57
CA LEU A 88 -13.45 14.24 -0.68
C LEU A 88 -14.85 14.54 -1.22
N PHE A 89 -15.03 14.51 -2.53
CA PHE A 89 -16.32 14.80 -3.15
C PHE A 89 -17.06 13.53 -3.56
N TRP A 90 -16.49 12.35 -3.31
CA TRP A 90 -17.12 11.11 -3.74
C TRP A 90 -18.28 10.75 -2.82
N GLN A 91 -19.33 10.19 -3.42
CA GLN A 91 -20.54 9.82 -2.69
C GLN A 91 -20.90 8.39 -3.05
N PRO A 92 -21.01 7.48 -2.08
CA PRO A 92 -21.37 6.07 -2.30
C PRO A 92 -22.69 5.90 -3.04
N MET B 2 -4.19 4.14 -3.06
CA MET B 2 -4.89 5.42 -3.02
C MET B 2 -6.39 5.17 -2.82
N TYR B 3 -7.05 6.00 -2.02
CA TYR B 3 -8.44 5.73 -1.69
C TYR B 3 -9.34 5.76 -2.92
N HIS B 4 -9.09 6.70 -3.84
CA HIS B 4 -10.02 6.93 -4.94
C HIS B 4 -10.14 5.76 -5.89
N ASN B 5 -9.25 4.78 -5.83
CA ASN B 5 -9.43 3.53 -6.56
C ASN B 5 -9.17 2.32 -5.65
N SER B 6 -9.43 2.48 -4.36
CA SER B 6 -9.16 1.44 -3.38
C SER B 6 -10.33 0.46 -3.30
N SER B 7 -10.03 -0.73 -2.76
CA SER B 7 -11.09 -1.69 -2.46
C SER B 7 -12.01 -1.17 -1.35
N GLN B 8 -11.48 -0.35 -0.44
CA GLN B 8 -12.32 0.21 0.61
C GLN B 8 -13.43 1.07 0.01
N LYS B 9 -13.08 1.92 -0.96
CA LYS B 9 -14.10 2.72 -1.64
C LYS B 9 -15.02 1.85 -2.48
N ARG B 10 -14.46 0.82 -3.13
CA ARG B 10 -15.22 0.05 -4.10
C ARG B 10 -16.26 -0.85 -3.45
N HIS B 11 -15.89 -1.55 -2.38
CA HIS B 11 -16.75 -2.58 -1.79
C HIS B 11 -17.08 -2.38 -0.33
N TRP B 12 -16.42 -1.48 0.39
CA TRP B 12 -16.62 -1.34 1.82
C TRP B 12 -17.02 0.08 2.22
N THR B 13 -17.66 0.80 1.30
CA THR B 13 -18.29 2.08 1.60
C THR B 13 -19.73 1.98 1.12
N PHE B 14 -20.67 2.03 2.05
CA PHE B 14 -22.06 1.66 1.80
C PHE B 14 -22.95 2.90 1.76
N SER B 15 -24.10 2.75 1.11
CA SER B 15 -24.96 3.89 0.80
C SER B 15 -25.61 4.47 2.05
N SER B 16 -26.06 3.63 2.97
CA SER B 16 -26.81 4.13 4.12
C SER B 16 -26.73 3.16 5.27
N GLU B 17 -27.11 3.65 6.45
CA GLU B 17 -27.16 2.81 7.65
C GLU B 17 -28.17 1.67 7.48
N GLU B 18 -29.21 1.88 6.68
CA GLU B 18 -30.18 0.81 6.45
C GLU B 18 -29.55 -0.36 5.73
N GLN B 19 -28.62 -0.10 4.80
CA GLN B 19 -27.91 -1.18 4.13
C GLN B 19 -27.07 -1.99 5.11
N LEU B 20 -26.37 -1.30 6.02
CA LEU B 20 -25.59 -2.00 7.04
C LEU B 20 -26.50 -2.84 7.94
N ALA B 21 -27.63 -2.28 8.35
CA ALA B 21 -28.59 -3.03 9.17
C ALA B 21 -29.11 -4.24 8.42
N ARG B 22 -29.35 -4.10 7.11
CA ARG B 22 -29.79 -5.23 6.31
C ARG B 22 -28.75 -6.33 6.30
N LEU B 23 -27.47 -5.97 6.12
CA LEU B 23 -26.41 -6.97 6.11
C LEU B 23 -26.32 -7.68 7.45
N ARG B 24 -26.36 -6.92 8.55
CA ARG B 24 -26.23 -7.52 9.88
C ARG B 24 -27.42 -8.41 10.20
N ALA B 25 -28.64 -7.98 9.85
CA ALA B 25 -29.81 -8.81 10.06
C ALA B 25 -29.75 -10.08 9.23
N ASP B 26 -29.25 -9.98 8.00
CA ASP B 26 -29.09 -11.17 7.17
C ASP B 26 -28.11 -12.15 7.79
N ALA B 27 -26.99 -11.64 8.33
CA ALA B 27 -26.04 -12.52 9.00
C ALA B 27 -26.67 -13.19 10.21
N ASN B 28 -27.42 -12.42 11.01
CA ASN B 28 -28.06 -12.98 12.20
C ASN B 28 -29.05 -14.07 11.82
N ARG B 29 -29.89 -13.83 10.80
CA ARG B 29 -30.86 -14.82 10.40
C ARG B 29 -30.20 -16.03 9.77
N LYS B 30 -29.07 -15.83 9.07
CA LYS B 30 -28.35 -16.96 8.49
C LYS B 30 -27.81 -17.87 9.58
N PHE B 31 -27.24 -17.29 10.65
CA PHE B 31 -26.80 -18.13 11.75
C PHE B 31 -27.98 -18.83 12.43
N ARG B 32 -29.11 -18.12 12.56
CA ARG B 32 -30.29 -18.74 13.16
C ARG B 32 -30.73 -19.97 12.37
N CYS B 33 -30.81 -19.82 11.05
CA CYS B 33 -31.20 -20.93 10.19
C CYS B 33 -30.19 -22.06 10.27
N LYS B 34 -28.90 -21.73 10.30
CA LYS B 34 -27.87 -22.76 10.42
C LYS B 34 -28.01 -23.55 11.71
N ALA B 35 -28.22 -22.84 12.83
CA ALA B 35 -28.31 -23.51 14.12
C ALA B 35 -29.58 -24.35 14.22
N VAL B 36 -30.69 -23.88 13.63
CA VAL B 36 -31.91 -24.67 13.66
C VAL B 36 -31.77 -25.91 12.77
N ALA B 37 -31.16 -25.76 11.59
CA ALA B 37 -30.96 -26.90 10.71
C ALA B 37 -30.02 -27.93 11.34
N ASN B 38 -28.99 -27.47 12.04
CA ASN B 38 -28.08 -28.40 12.72
C ASN B 38 -28.81 -29.20 13.78
N GLY B 39 -29.62 -28.53 14.59
CA GLY B 39 -30.37 -29.19 15.63
C GLY B 39 -29.77 -29.01 17.01
N ASP B 45 -36.16 -19.01 19.00
CA ASP B 45 -35.73 -19.58 20.28
C ASP B 45 -35.06 -18.53 21.14
N PRO B 46 -35.25 -18.61 22.46
CA PRO B 46 -34.64 -17.62 23.35
C PRO B 46 -33.12 -17.63 23.34
N VAL B 47 -32.49 -18.71 22.86
CA VAL B 47 -31.04 -18.78 22.85
C VAL B 47 -30.46 -17.71 21.92
N PHE B 48 -31.06 -17.54 20.75
CA PHE B 48 -30.52 -16.65 19.74
C PHE B 48 -30.54 -15.20 20.20
N LEU B 49 -29.59 -14.42 19.68
CA LEU B 49 -29.53 -12.99 19.95
C LEU B 49 -30.18 -12.23 18.80
N GLU B 50 -30.83 -11.13 19.15
CA GLU B 50 -31.39 -10.24 18.15
C GLU B 50 -30.30 -9.36 17.54
N PRO B 51 -30.51 -8.85 16.33
CA PRO B 51 -29.47 -8.01 15.70
C PRO B 51 -29.05 -6.82 16.53
N HIS B 52 -29.96 -6.19 17.27
CA HIS B 52 -29.55 -5.08 18.13
C HIS B 52 -28.68 -5.55 19.28
N GLU B 53 -28.94 -6.75 19.80
CA GLU B 53 -28.06 -7.31 20.82
C GLU B 53 -26.69 -7.64 20.23
N GLU B 54 -26.67 -8.15 19.00
CA GLU B 54 -25.41 -8.36 18.30
C GLU B 54 -24.65 -7.05 18.16
N MET B 55 -25.36 -5.96 17.81
CA MET B 55 -24.70 -4.66 17.69
C MET B 55 -24.15 -4.17 19.02
N THR B 56 -24.92 -4.35 20.10
CA THR B 56 -24.42 -3.94 21.42
C THR B 56 -23.16 -4.71 21.80
N LEU B 57 -23.17 -6.03 21.58
CA LEU B 57 -21.98 -6.83 21.85
C LEU B 57 -20.81 -6.42 20.96
N CYS B 58 -21.08 -6.12 19.69
CA CYS B 58 -20.03 -5.70 18.77
C CYS B 58 -19.41 -4.38 19.19
N LYS B 59 -20.24 -3.43 19.64
CA LYS B 59 -19.72 -2.16 20.13
C LYS B 59 -18.87 -2.37 21.38
N TYR B 60 -19.35 -3.21 22.29
CA TYR B 60 -18.57 -3.50 23.50
C TYR B 60 -17.22 -4.13 23.14
N TYR B 61 -17.22 -5.08 22.21
CA TYR B 61 -15.97 -5.75 21.87
C TYR B 61 -15.07 -4.89 20.99
N GLU B 62 -15.63 -3.96 20.24
CA GLU B 62 -14.78 -2.99 19.54
C GLU B 62 -14.08 -2.08 20.54
N LYS B 63 -14.79 -1.67 21.59
CA LYS B 63 -14.11 -0.89 22.63
C LYS B 63 -13.07 -1.74 23.34
N ARG B 64 -13.34 -3.03 23.53
CA ARG B 64 -12.33 -3.95 24.08
C ARG B 64 -11.12 -4.05 23.15
N LEU B 65 -11.35 -4.08 21.85
CA LEU B 65 -10.24 -4.09 20.89
C LEU B 65 -9.42 -2.81 21.00
N LEU B 66 -10.09 -1.67 21.15
CA LEU B 66 -9.37 -0.42 21.36
C LEU B 66 -8.53 -0.47 22.63
N GLU B 67 -9.10 -1.03 23.71
CA GLU B 67 -8.34 -1.15 24.96
C GLU B 67 -7.13 -2.06 24.79
N PHE B 68 -7.31 -3.17 24.06
CA PHE B 68 -6.19 -4.09 23.82
C PHE B 68 -5.09 -3.41 23.02
N CYS B 69 -5.46 -2.65 21.98
CA CYS B 69 -4.48 -1.96 21.16
C CYS B 69 -3.88 -0.74 21.86
N SER B 70 -4.54 -0.21 22.91
CA SER B 70 -4.06 0.98 23.59
C SER B 70 -2.86 0.67 24.49
N VAL B 71 -2.90 -0.47 25.19
CA VAL B 71 -1.83 -0.85 26.10
C VAL B 71 -0.88 -1.86 25.48
N PHE B 72 -1.05 -2.15 24.19
CA PHE B 72 -0.18 -3.11 23.51
C PHE B 72 1.26 -2.64 23.53
N LYS B 73 2.17 -3.55 23.87
CA LYS B 73 3.59 -3.28 23.88
C LYS B 73 4.29 -4.22 22.92
N PRO B 74 5.13 -3.71 22.00
CA PRO B 74 5.53 -2.31 21.82
C PRO B 74 4.39 -1.46 21.27
N ALA B 75 4.52 -0.14 21.35
CA ALA B 75 3.41 0.77 21.03
C ALA B 75 2.91 0.53 19.60
N MET B 76 1.67 0.11 19.50
CA MET B 76 1.06 -0.14 18.19
C MET B 76 0.70 1.17 17.51
N PRO B 77 1.08 1.35 16.25
CA PRO B 77 0.73 2.60 15.56
C PRO B 77 -0.77 2.74 15.37
N ARG B 78 -1.21 4.00 15.28
CA ARG B 78 -2.64 4.29 15.15
C ARG B 78 -3.21 3.71 13.86
N SER B 79 -2.41 3.65 12.80
CA SER B 79 -2.88 3.06 11.55
C SER B 79 -3.22 1.59 11.73
N VAL B 80 -2.39 0.85 12.49
CA VAL B 80 -2.68 -0.55 12.75
C VAL B 80 -3.97 -0.69 13.55
N VAL B 81 -4.17 0.16 14.55
CA VAL B 81 -5.39 0.10 15.36
C VAL B 81 -6.61 0.36 14.50
N GLY B 82 -6.54 1.39 13.65
CA GLY B 82 -7.66 1.69 12.77
C GLY B 82 -7.93 0.56 11.79
N THR B 83 -6.88 -0.04 11.25
CA THR B 83 -7.05 -1.19 10.36
C THR B 83 -7.73 -2.34 11.08
N ALA B 84 -7.32 -2.61 12.33
CA ALA B 84 -7.92 -3.72 13.08
C ALA B 84 -9.38 -3.44 13.40
N CYS B 85 -9.71 -2.21 13.80
CA CYS B 85 -11.10 -1.88 14.08
C CYS B 85 -11.95 -1.96 12.82
N MET B 86 -11.40 -1.53 11.69
CA MET B 86 -12.11 -1.67 10.42
C MET B 86 -12.32 -3.15 10.08
N TYR B 87 -11.31 -3.98 10.33
CA TYR B 87 -11.47 -5.42 10.14
C TYR B 87 -12.60 -5.96 11.01
N PHE B 88 -12.67 -5.52 12.26
CA PHE B 88 -13.73 -5.97 13.17
C PHE B 88 -15.10 -5.58 12.63
N LYS B 89 -15.26 -4.32 12.23
CA LYS B 89 -16.54 -3.85 11.70
C LYS B 89 -16.93 -4.62 10.45
N ARG B 90 -15.98 -4.79 9.52
CA ARG B 90 -16.27 -5.48 8.28
C ARG B 90 -16.62 -6.94 8.53
N PHE B 91 -15.90 -7.59 9.44
CA PHE B 91 -16.18 -8.99 9.73
C PHE B 91 -17.59 -9.16 10.27
N TYR B 92 -17.97 -8.33 11.24
CA TYR B 92 -19.27 -8.49 11.85
C TYR B 92 -20.38 -7.79 11.07
N LEU B 93 -20.05 -7.19 9.93
CA LEU B 93 -21.09 -6.82 8.97
C LEU B 93 -21.80 -8.05 8.45
N ASN B 94 -21.05 -9.12 8.15
CA ASN B 94 -21.61 -10.31 7.51
C ASN B 94 -21.40 -11.57 8.35
N ASN B 95 -21.13 -11.42 9.64
CA ASN B 95 -20.93 -12.58 10.51
C ASN B 95 -21.57 -12.33 11.87
N SER B 96 -22.12 -13.39 12.45
CA SER B 96 -22.75 -13.29 13.76
C SER B 96 -21.74 -13.56 14.85
N VAL B 97 -21.86 -12.81 15.95
CA VAL B 97 -21.03 -13.07 17.12
C VAL B 97 -21.33 -14.43 17.72
N MET B 98 -22.51 -14.99 17.46
CA MET B 98 -22.87 -16.30 17.97
C MET B 98 -22.18 -17.44 17.22
N GLU B 99 -21.72 -17.20 15.99
CA GLU B 99 -20.94 -18.19 15.27
C GLU B 99 -19.45 -18.06 15.58
N TYR B 100 -18.93 -16.84 15.53
CA TYR B 100 -17.53 -16.56 15.83
C TYR B 100 -17.48 -15.59 16.98
N HIS B 101 -16.84 -15.99 18.07
CA HIS B 101 -16.81 -15.17 19.27
C HIS B 101 -16.05 -13.89 19.00
N PRO B 102 -16.61 -12.72 19.34
CA PRO B 102 -15.88 -11.46 19.12
C PRO B 102 -14.61 -11.36 19.94
N ARG B 103 -14.50 -12.08 21.06
CA ARG B 103 -13.29 -12.02 21.86
C ARG B 103 -12.08 -12.53 21.07
N ILE B 104 -12.25 -13.64 20.35
CA ILE B 104 -11.14 -14.13 19.55
C ILE B 104 -11.05 -13.39 18.21
N ILE B 105 -12.18 -12.98 17.65
CA ILE B 105 -12.17 -12.31 16.36
C ILE B 105 -11.46 -10.97 16.46
N MET B 106 -11.63 -10.25 17.57
CA MET B 106 -10.95 -8.97 17.74
C MET B 106 -9.44 -9.15 17.85
N LEU B 107 -8.99 -10.20 18.56
CA LEU B 107 -7.56 -10.46 18.64
C LEU B 107 -7.00 -10.87 17.29
N THR B 108 -7.77 -11.66 16.53
CA THR B 108 -7.35 -12.01 15.18
C THR B 108 -7.29 -10.78 14.28
N CYS B 109 -8.22 -9.85 14.47
CA CYS B 109 -8.19 -8.59 13.73
C CYS B 109 -6.90 -7.83 14.02
N ALA B 110 -6.56 -7.72 15.31
CA ALA B 110 -5.31 -7.03 15.67
C ALA B 110 -4.10 -7.75 15.09
N PHE B 111 -4.08 -9.08 15.15
CA PHE B 111 -2.97 -9.88 14.62
C PHE B 111 -2.79 -9.65 13.12
N LEU B 112 -3.88 -9.79 12.36
CA LEU B 112 -3.82 -9.60 10.92
C LEU B 112 -3.46 -8.17 10.55
N ALA B 113 -3.99 -7.19 11.30
CA ALA B 113 -3.66 -5.80 11.03
C ALA B 113 -2.19 -5.52 11.28
N CYS B 114 -1.63 -6.11 12.34
CA CYS B 114 -0.20 -5.96 12.60
C CYS B 114 0.61 -6.51 11.44
N LYS B 115 0.21 -7.66 10.91
CA LYS B 115 0.91 -8.21 9.75
C LYS B 115 0.76 -7.31 8.52
N VAL B 116 -0.47 -6.85 8.26
CA VAL B 116 -0.77 -6.14 7.01
C VAL B 116 -0.12 -4.77 7.01
N ASP B 117 -0.17 -4.06 8.12
CA ASP B 117 0.38 -2.72 8.20
C ASP B 117 1.89 -2.70 8.48
N GLU B 118 2.57 -3.83 8.23
CA GLU B 118 4.03 -3.90 8.31
C GLU B 118 4.54 -3.50 9.69
N PHE B 119 3.78 -3.87 10.72
CA PHE B 119 4.17 -3.64 12.11
C PHE B 119 4.69 -4.97 12.63
N ASN B 120 6.02 -5.09 12.76
CA ASN B 120 6.65 -6.38 13.03
C ASN B 120 6.56 -6.69 14.51
N VAL B 121 5.77 -7.71 14.84
CA VAL B 121 5.71 -8.29 16.18
C VAL B 121 5.62 -9.80 16.03
N SER B 122 6.41 -10.52 16.82
CA SER B 122 6.30 -11.97 16.81
C SER B 122 5.04 -12.41 17.56
N SER B 123 4.61 -13.64 17.29
CA SER B 123 3.43 -14.18 17.96
C SER B 123 3.61 -14.24 19.48
N PRO B 124 4.72 -14.73 20.04
CA PRO B 124 4.89 -14.63 21.50
C PRO B 124 4.80 -13.20 22.02
N GLN B 125 5.37 -12.25 21.29
CA GLN B 125 5.27 -10.85 21.70
C GLN B 125 3.82 -10.37 21.67
N PHE B 126 3.06 -10.83 20.67
CA PHE B 126 1.66 -10.45 20.57
C PHE B 126 0.86 -11.01 21.74
N VAL B 127 1.00 -12.30 22.02
CA VAL B 127 0.21 -12.91 23.08
C VAL B 127 0.67 -12.47 24.46
N GLY B 128 1.90 -11.99 24.60
CA GLY B 128 2.33 -11.48 25.89
C GLY B 128 1.53 -10.29 26.38
N ASN B 129 0.79 -9.63 25.49
CA ASN B 129 0.00 -8.46 25.85
C ASN B 129 -1.31 -8.80 26.55
N LEU B 130 -1.74 -10.05 26.53
CA LEU B 130 -2.93 -10.46 27.27
C LEU B 130 -2.62 -10.61 28.76
N ARG B 131 -3.63 -10.32 29.58
CA ARG B 131 -3.48 -10.41 31.03
C ARG B 131 -4.01 -11.76 31.52
N GLU B 132 -3.42 -12.83 30.99
CA GLU B 132 -3.82 -14.18 31.34
C GLU B 132 -2.58 -15.03 31.65
N SER B 133 -2.83 -16.22 32.16
CA SER B 133 -1.76 -17.19 32.39
C SER B 133 -1.18 -17.63 31.04
N PRO B 134 0.10 -18.04 31.01
CA PRO B 134 0.71 -18.43 29.73
C PRO B 134 -0.01 -19.56 29.01
N LEU B 135 -0.68 -20.47 29.74
CA LEU B 135 -1.51 -21.46 29.08
C LEU B 135 -2.67 -20.80 28.34
N GLY B 136 -3.31 -19.82 28.97
CA GLY B 136 -4.34 -19.05 28.29
C GLY B 136 -3.81 -18.33 27.07
N GLN B 137 -2.60 -17.79 27.16
CA GLN B 137 -2.01 -17.12 26.01
C GLN B 137 -1.70 -18.10 24.89
N GLU B 138 -1.24 -19.30 25.22
CA GLU B 138 -1.00 -20.31 24.20
C GLU B 138 -2.30 -20.71 23.51
N LYS B 139 -3.36 -20.93 24.28
CA LYS B 139 -4.64 -21.29 23.66
C LYS B 139 -5.20 -20.14 22.84
N ALA B 140 -5.00 -18.90 23.30
CA ALA B 140 -5.43 -17.74 22.52
C ALA B 140 -4.67 -17.65 21.21
N LEU B 141 -3.36 -17.89 21.25
CA LEU B 141 -2.57 -17.90 20.01
C LEU B 141 -3.05 -18.98 19.07
N GLU B 142 -3.34 -20.16 19.60
CA GLU B 142 -3.88 -21.24 18.75
C GLU B 142 -5.17 -20.80 18.08
N GLN B 143 -6.10 -20.23 18.85
CA GLN B 143 -7.37 -19.79 18.29
C GLN B 143 -7.18 -18.70 17.23
N ILE B 144 -6.27 -17.76 17.49
CA ILE B 144 -5.99 -16.71 16.52
C ILE B 144 -5.45 -17.32 15.22
N LEU B 145 -4.55 -18.30 15.34
CA LEU B 145 -4.01 -18.94 14.14
C LEU B 145 -5.10 -19.67 13.37
N GLU B 146 -6.03 -20.31 14.08
CA GLU B 146 -7.15 -20.96 13.40
C GLU B 146 -8.02 -19.95 12.68
N TYR B 147 -8.23 -18.77 13.27
CA TYR B 147 -9.15 -17.78 12.72
C TYR B 147 -8.53 -16.81 11.74
N GLU B 148 -7.20 -16.80 11.57
CA GLU B 148 -6.57 -15.79 10.72
C GLU B 148 -7.04 -15.91 9.27
N LEU B 149 -6.97 -17.11 8.71
CA LEU B 149 -7.42 -17.29 7.32
C LEU B 149 -8.91 -17.03 7.18
N LEU B 150 -9.70 -17.41 8.19
CA LEU B 150 -11.13 -17.15 8.14
C LEU B 150 -11.40 -15.64 8.09
N LEU B 151 -10.71 -14.87 8.93
CA LEU B 151 -10.87 -13.43 8.91
C LEU B 151 -10.46 -12.86 7.57
N ILE B 152 -9.35 -13.35 7.00
CA ILE B 152 -8.90 -12.85 5.71
C ILE B 152 -9.94 -13.12 4.63
N GLN B 153 -10.53 -14.33 4.64
CA GLN B 153 -11.55 -14.66 3.65
C GLN B 153 -12.80 -13.81 3.83
N GLN B 154 -13.19 -13.53 5.08
CA GLN B 154 -14.38 -12.75 5.34
C GLN B 154 -14.19 -11.27 5.03
N LEU B 155 -12.94 -10.83 4.85
CA LEU B 155 -12.67 -9.49 4.33
C LEU B 155 -12.57 -9.46 2.82
N ASN B 156 -12.83 -10.59 2.16
CA ASN B 156 -12.69 -10.73 0.71
C ASN B 156 -11.28 -10.38 0.25
N PHE B 157 -10.30 -10.62 1.11
CA PHE B 157 -8.89 -10.38 0.81
C PHE B 157 -8.60 -8.92 0.51
N HIS B 158 -9.42 -8.02 1.06
CA HIS B 158 -9.19 -6.58 0.98
C HIS B 158 -8.57 -6.16 2.29
N LEU B 159 -7.24 -6.09 2.33
CA LEU B 159 -6.52 -5.89 3.57
C LEU B 159 -6.07 -4.45 3.79
N ILE B 160 -5.92 -3.66 2.74
CA ILE B 160 -5.47 -2.29 2.88
C ILE B 160 -6.64 -1.43 3.34
N VAL B 161 -6.48 -0.77 4.48
CA VAL B 161 -7.52 0.08 5.06
C VAL B 161 -7.03 1.52 5.03
N HIS B 162 -7.84 2.41 4.46
CA HIS B 162 -7.51 3.83 4.42
C HIS B 162 -8.15 4.51 5.62
N ASN B 163 -7.33 4.93 6.55
CA ASN B 163 -7.72 5.59 7.78
C ASN B 163 -7.78 7.11 7.58
N PRO B 164 -8.53 7.82 8.43
CA PRO B 164 -8.62 9.28 8.29
C PRO B 164 -7.39 10.04 8.77
N TYR B 165 -6.37 9.36 9.32
CA TYR B 165 -5.29 10.08 9.99
C TYR B 165 -4.38 10.79 8.99
N ARG B 166 -3.99 10.12 7.90
CA ARG B 166 -3.13 10.81 6.95
C ARG B 166 -3.89 11.86 6.17
N PRO B 167 -5.15 11.63 5.76
CA PRO B 167 -5.93 12.75 5.21
C PRO B 167 -6.06 13.92 6.18
N PHE B 168 -6.18 13.64 7.47
CA PHE B 168 -6.23 14.70 8.47
C PHE B 168 -4.93 15.50 8.47
N GLU B 169 -3.79 14.81 8.40
CA GLU B 169 -2.51 15.50 8.34
C GLU B 169 -2.39 16.34 7.07
N GLY B 170 -2.84 15.80 5.94
CA GLY B 170 -2.80 16.55 4.70
C GLY B 170 -3.66 17.80 4.75
N PHE B 171 -4.86 17.68 5.34
CA PHE B 171 -5.72 18.84 5.52
C PHE B 171 -5.06 19.88 6.39
N LEU B 172 -4.38 19.45 7.45
CA LEU B 172 -3.67 20.41 8.30
C LEU B 172 -2.58 21.13 7.53
N ILE B 173 -1.83 20.40 6.69
CA ILE B 173 -0.81 21.05 5.86
C ILE B 173 -1.45 22.08 4.93
N ASP B 174 -2.55 21.70 4.28
CA ASP B 174 -3.20 22.61 3.35
C ASP B 174 -3.76 23.84 4.07
N LEU B 175 -4.28 23.66 5.28
CA LEU B 175 -4.77 24.78 6.05
C LEU B 175 -3.63 25.72 6.43
N LYS B 176 -2.51 25.16 6.89
CA LYS B 176 -1.36 25.99 7.24
C LYS B 176 -0.78 26.70 6.03
N THR B 177 -1.00 26.16 4.82
CA THR B 177 -0.44 26.77 3.63
C THR B 177 -1.36 27.82 3.00
N ARG B 178 -2.62 27.46 2.74
CA ARG B 178 -3.50 28.27 1.90
C ARG B 178 -4.62 28.96 2.67
N TYR B 179 -4.67 28.85 3.99
CA TYR B 179 -5.74 29.45 4.79
C TYR B 179 -5.13 30.27 5.92
N PRO B 180 -4.54 31.42 5.61
CA PRO B 180 -3.89 32.21 6.67
C PRO B 180 -4.85 32.72 7.74
N ILE B 181 -6.12 32.94 7.39
CA ILE B 181 -7.08 33.46 8.36
C ILE B 181 -7.30 32.50 9.51
N LEU B 182 -7.04 31.21 9.32
CA LEU B 182 -7.01 30.25 10.41
C LEU B 182 -5.58 30.23 10.95
N GLU B 183 -5.28 31.16 11.83
CA GLU B 183 -3.95 31.25 12.41
C GLU B 183 -3.74 30.11 13.39
N ASN B 184 -2.60 29.43 13.26
CA ASN B 184 -2.25 28.26 14.05
C ASN B 184 -3.36 27.20 13.96
N PRO B 185 -3.51 26.52 12.84
CA PRO B 185 -4.53 25.45 12.76
C PRO B 185 -4.27 24.30 13.71
N GLU B 186 -3.07 24.18 14.27
CA GLU B 186 -2.71 23.03 15.10
C GLU B 186 -3.60 22.91 16.33
N ILE B 187 -4.11 24.03 16.86
CA ILE B 187 -4.96 23.95 18.04
C ILE B 187 -6.27 23.22 17.75
N LEU B 188 -6.62 23.06 16.48
CA LEU B 188 -7.80 22.30 16.11
C LEU B 188 -7.56 20.79 16.14
N ARG B 189 -6.33 20.35 16.39
CA ARG B 189 -6.01 18.93 16.27
C ARG B 189 -6.75 18.10 17.33
N LYS B 190 -6.47 18.37 18.61
CA LYS B 190 -6.92 17.48 19.69
C LYS B 190 -8.42 17.27 19.63
N THR B 191 -9.19 18.36 19.61
CA THR B 191 -10.65 18.24 19.51
C THR B 191 -11.03 17.43 18.28
N ALA B 192 -10.47 17.77 17.13
CA ALA B 192 -10.74 16.98 15.93
C ALA B 192 -10.40 15.51 16.15
N ASP B 193 -9.23 15.26 16.74
CA ASP B 193 -8.86 13.88 17.05
C ASP B 193 -9.91 13.23 17.93
N ASP B 194 -10.34 13.97 18.97
CA ASP B 194 -11.40 13.44 19.83
C ASP B 194 -12.62 13.10 19.00
N PHE B 195 -13.05 14.02 18.13
CA PHE B 195 -14.20 13.72 17.29
C PHE B 195 -13.93 12.49 16.45
N LEU B 196 -12.71 12.38 15.90
CA LEU B 196 -12.33 11.18 15.15
C LEU B 196 -12.60 9.93 15.97
N ASN B 197 -12.13 9.92 17.22
CA ASN B 197 -12.38 8.77 18.10
C ASN B 197 -13.87 8.48 18.17
N ARG B 198 -14.67 9.51 18.45
CA ARG B 198 -16.11 9.32 18.51
C ARG B 198 -16.65 8.85 17.18
N ILE B 199 -16.15 9.43 16.09
CA ILE B 199 -16.60 9.03 14.77
C ILE B 199 -16.30 7.55 14.55
N ALA B 200 -15.17 7.08 15.08
CA ALA B 200 -14.79 5.68 14.91
C ALA B 200 -15.78 4.75 15.62
N LEU B 201 -16.44 5.22 16.67
CA LEU B 201 -17.38 4.36 17.38
C LEU B 201 -18.61 4.05 16.54
N THR B 202 -19.02 4.98 15.68
CA THR B 202 -20.21 4.81 14.86
C THR B 202 -19.88 3.95 13.65
N ASP B 203 -20.82 3.85 12.72
CA ASP B 203 -20.60 3.16 11.45
C ASP B 203 -20.11 4.11 10.36
N ALA B 204 -19.52 5.25 10.75
CA ALA B 204 -19.09 6.24 9.77
C ALA B 204 -18.04 5.68 8.83
N TYR B 205 -17.09 4.91 9.37
CA TYR B 205 -15.99 4.39 8.55
C TYR B 205 -16.48 3.49 7.43
N LEU B 206 -17.68 2.95 7.52
CA LEU B 206 -18.27 2.16 6.45
C LEU B 206 -19.15 2.99 5.53
N LEU B 207 -19.37 4.27 5.84
CA LEU B 207 -20.30 5.09 5.08
C LEU B 207 -19.70 6.35 4.49
N TYR B 208 -18.51 6.76 4.92
CA TYR B 208 -17.90 7.99 4.45
C TYR B 208 -16.43 7.76 4.12
N THR B 209 -15.92 8.58 3.21
CA THR B 209 -14.52 8.48 2.82
C THR B 209 -13.63 8.97 3.97
N PRO B 210 -12.38 8.48 4.04
CA PRO B 210 -11.46 9.00 5.06
C PRO B 210 -11.24 10.49 4.96
N SER B 211 -11.19 11.03 3.74
CA SER B 211 -11.03 12.48 3.59
C SER B 211 -12.24 13.22 4.15
N GLN B 212 -13.44 12.73 3.84
CA GLN B 212 -14.66 13.36 4.36
C GLN B 212 -14.69 13.29 5.88
N ILE B 213 -14.30 12.14 6.45
CA ILE B 213 -14.30 11.99 7.90
C ILE B 213 -13.30 12.94 8.53
N ALA B 214 -12.10 13.05 7.95
CA ALA B 214 -11.08 13.96 8.48
C ALA B 214 -11.54 15.41 8.41
N LEU B 215 -12.12 15.81 7.28
CA LEU B 215 -12.59 17.18 7.13
C LEU B 215 -13.75 17.48 8.06
N THR B 216 -14.66 16.52 8.22
CA THR B 216 -15.75 16.69 9.17
C THR B 216 -15.23 16.89 10.58
N ALA B 217 -14.25 16.08 10.98
CA ALA B 217 -13.65 16.26 12.31
C ALA B 217 -13.02 17.63 12.43
N ILE B 218 -12.28 18.06 11.41
CA ILE B 218 -11.60 19.35 11.47
C ILE B 218 -12.61 20.49 11.60
N LEU B 219 -13.65 20.47 10.78
CA LEU B 219 -14.61 21.59 10.82
C LEU B 219 -15.51 21.52 12.04
N SER B 220 -15.77 20.33 12.59
CA SER B 220 -16.44 20.25 13.88
C SER B 220 -15.58 20.86 14.97
N SER B 221 -14.28 20.59 14.95
CA SER B 221 -13.38 21.22 15.91
C SER B 221 -13.36 22.74 15.75
N ALA B 222 -13.37 23.21 14.49
CA ALA B 222 -13.38 24.64 14.23
C ALA B 222 -14.68 25.29 14.72
N SER B 223 -15.81 24.63 14.47
CA SER B 223 -17.09 25.14 14.95
C SER B 223 -17.13 25.18 16.48
N ARG B 224 -16.60 24.15 17.13
CA ARG B 224 -16.52 24.14 18.59
C ARG B 224 -15.59 25.21 19.12
N ALA B 225 -14.70 25.74 18.29
CA ALA B 225 -13.77 26.77 18.69
C ALA B 225 -14.29 28.18 18.41
N GLY B 226 -15.50 28.31 17.88
CA GLY B 226 -15.98 29.61 17.47
C GLY B 226 -15.34 30.14 16.22
N ILE B 227 -14.72 29.27 15.43
CA ILE B 227 -14.05 29.63 14.19
C ILE B 227 -14.89 29.13 13.04
N THR B 228 -15.29 30.05 12.16
CA THR B 228 -16.13 29.72 11.01
C THR B 228 -15.26 29.79 9.75
N MET B 229 -15.17 28.68 9.03
CA MET B 229 -14.21 28.58 7.94
C MET B 229 -14.74 27.78 6.76
N GLU B 230 -16.01 28.00 6.38
CA GLU B 230 -16.46 27.43 5.11
C GLU B 230 -15.86 28.19 3.92
N SER B 231 -15.24 29.34 4.16
CA SER B 231 -14.44 29.96 3.10
C SER B 231 -13.27 29.08 2.69
N TYR B 232 -12.81 28.20 3.59
CA TYR B 232 -11.86 27.17 3.17
C TYR B 232 -12.47 26.26 2.11
N LEU B 233 -13.73 25.87 2.30
CA LEU B 233 -14.39 25.02 1.31
C LEU B 233 -14.65 25.77 0.02
N SER B 234 -15.20 26.99 0.13
CA SER B 234 -15.62 27.73 -1.06
C SER B 234 -14.45 28.31 -1.83
N GLU B 235 -13.47 28.87 -1.13
CA GLU B 235 -12.34 29.52 -1.79
C GLU B 235 -11.18 28.55 -2.03
N SER B 236 -10.61 28.00 -0.97
CA SER B 236 -9.39 27.21 -1.11
C SER B 236 -9.66 25.90 -1.85
N LEU B 237 -10.81 25.28 -1.59
CA LEU B 237 -11.18 24.05 -2.27
C LEU B 237 -11.97 24.29 -3.55
N MET B 238 -12.17 25.56 -3.93
CA MET B 238 -12.76 25.94 -5.23
C MET B 238 -14.20 25.47 -5.36
N LEU B 239 -14.89 25.27 -4.24
CA LEU B 239 -16.27 24.80 -4.26
C LEU B 239 -17.26 25.92 -4.56
N LYS B 240 -16.80 27.17 -4.62
CA LYS B 240 -17.68 28.27 -5.02
C LYS B 240 -18.16 28.13 -6.46
N GLU B 241 -17.50 27.29 -7.25
CA GLU B 241 -17.92 27.08 -8.63
C GLU B 241 -19.02 26.02 -8.72
N ASN B 242 -18.75 24.83 -8.20
CA ASN B 242 -19.73 23.75 -8.18
C ASN B 242 -20.57 23.91 -6.91
N ARG B 243 -21.72 24.56 -7.05
CA ARG B 243 -22.59 24.75 -5.89
C ARG B 243 -23.10 23.43 -5.35
N THR B 244 -23.46 22.50 -6.24
CA THR B 244 -23.97 21.22 -5.80
C THR B 244 -22.90 20.43 -5.04
N CYS B 245 -21.63 20.56 -5.44
CA CYS B 245 -20.57 19.86 -4.73
C CYS B 245 -20.43 20.37 -3.30
N LEU B 246 -20.46 21.68 -3.11
CA LEU B 246 -20.37 22.25 -1.77
C LEU B 246 -21.59 21.86 -0.94
N SER B 247 -22.78 21.90 -1.53
CA SER B 247 -23.97 21.49 -0.80
C SER B 247 -23.90 20.02 -0.39
N GLN B 248 -23.44 19.16 -1.30
CA GLN B 248 -23.32 17.74 -0.98
C GLN B 248 -22.30 17.50 0.12
N LEU B 249 -21.16 18.21 0.08
CA LEU B 249 -20.17 18.05 1.13
C LEU B 249 -20.71 18.51 2.47
N LEU B 250 -21.42 19.64 2.50
CA LEU B 250 -22.01 20.11 3.75
C LEU B 250 -23.04 19.11 4.27
N ASP B 251 -23.85 18.53 3.38
CA ASP B 251 -24.84 17.54 3.80
C ASP B 251 -24.17 16.29 4.34
N ILE B 252 -23.09 15.84 3.70
CA ILE B 252 -22.37 14.66 4.17
C ILE B 252 -21.82 14.90 5.57
N MET B 253 -21.21 16.08 5.78
CA MET B 253 -20.68 16.39 7.11
C MET B 253 -21.79 16.51 8.15
N LYS B 254 -22.93 17.09 7.76
CA LYS B 254 -24.06 17.18 8.68
C LYS B 254 -24.57 15.80 9.07
N SER B 255 -24.68 14.90 8.10
CA SER B 255 -25.15 13.55 8.40
C SER B 255 -24.15 12.81 9.29
N MET B 256 -22.85 13.01 9.07
CA MET B 256 -21.86 12.37 9.93
C MET B 256 -21.92 12.91 11.34
N ARG B 257 -22.09 14.23 11.50
CA ARG B 257 -22.26 14.80 12.83
C ARG B 257 -23.51 14.26 13.51
N ASN B 258 -24.59 14.08 12.74
CA ASN B 258 -25.80 13.46 13.29
C ASN B 258 -25.55 12.02 13.72
N LEU B 259 -24.77 11.27 12.92
CA LEU B 259 -24.41 9.91 13.30
C LEU B 259 -23.70 9.89 14.64
N VAL B 260 -22.77 10.84 14.84
CA VAL B 260 -22.09 10.93 16.13
C VAL B 260 -23.09 11.30 17.23
N LYS B 261 -24.07 12.15 16.91
CA LYS B 261 -25.02 12.59 17.91
C LYS B 261 -25.85 11.42 18.44
N LYS B 262 -26.39 10.60 17.54
CA LYS B 262 -27.29 9.52 17.93
C LYS B 262 -26.55 8.20 18.16
N TYR B 263 -25.45 8.27 18.91
CA TYR B 263 -24.68 7.09 19.29
C TYR B 263 -24.82 6.89 20.79
N GLU B 264 -25.27 5.70 21.18
CA GLU B 264 -25.39 5.35 22.59
C GLU B 264 -24.40 4.26 22.92
N PRO B 265 -23.50 4.47 23.89
CA PRO B 265 -22.58 3.39 24.27
C PRO B 265 -23.35 2.22 24.86
N PRO B 266 -22.84 1.00 24.70
CA PRO B 266 -23.49 -0.15 25.33
C PRO B 266 -23.57 0.01 26.83
N ARG B 267 -24.72 -0.35 27.39
CA ARG B 267 -24.92 -0.25 28.83
C ARG B 267 -24.39 -1.53 29.49
N SER B 268 -23.55 -1.34 30.52
CA SER B 268 -22.86 -2.48 31.13
C SER B 268 -23.84 -3.50 31.69
N GLU B 269 -24.97 -3.04 32.25
CA GLU B 269 -25.98 -3.97 32.74
C GLU B 269 -26.55 -4.80 31.61
N GLU B 270 -26.79 -4.19 30.45
CA GLU B 270 -27.21 -4.95 29.28
C GLU B 270 -26.06 -5.81 28.74
N VAL B 271 -24.83 -5.31 28.84
CA VAL B 271 -23.68 -6.04 28.30
C VAL B 271 -23.46 -7.34 29.06
N ALA B 272 -23.66 -7.34 30.37
CA ALA B 272 -23.49 -8.58 31.15
C ALA B 272 -24.51 -9.63 30.71
N VAL B 273 -25.77 -9.23 30.55
CA VAL B 273 -26.81 -10.17 30.12
C VAL B 273 -26.50 -10.70 28.73
N LEU B 274 -26.09 -9.82 27.81
CA LEU B 274 -25.80 -10.27 26.45
C LEU B 274 -24.55 -11.15 26.41
N LYS B 275 -23.56 -10.87 27.26
CA LYS B 275 -22.37 -11.71 27.32
C LYS B 275 -22.71 -13.10 27.82
N GLN B 276 -23.55 -13.19 28.85
CA GLN B 276 -24.00 -14.50 29.32
C GLN B 276 -24.79 -15.23 28.23
N LYS B 277 -25.64 -14.50 27.51
CA LYS B 277 -26.40 -15.11 26.42
C LYS B 277 -25.47 -15.63 25.33
N LEU B 278 -24.44 -14.85 24.98
CA LEU B 278 -23.50 -15.27 23.95
C LEU B 278 -22.68 -16.48 24.40
N GLU B 279 -22.26 -16.49 25.66
CA GLU B 279 -21.54 -17.65 26.18
C GLU B 279 -22.40 -18.90 26.15
N ARG B 280 -23.69 -18.76 26.51
CA ARG B 280 -24.60 -19.89 26.38
C ARG B 280 -24.75 -20.32 24.93
N CYS B 281 -24.79 -19.35 24.00
CA CYS B 281 -24.88 -19.68 22.59
C CYS B 281 -23.69 -20.50 22.13
N HIS B 282 -22.48 -20.11 22.55
CA HIS B 282 -21.30 -20.82 22.11
C HIS B 282 -21.17 -22.19 22.77
N SER B 283 -21.40 -22.27 24.08
CA SER B 283 -21.32 -23.55 24.77
C SER B 283 -22.37 -24.52 24.28
N ALA B 284 -23.60 -24.05 24.06
CA ALA B 284 -24.70 -24.93 23.69
C ALA B 284 -24.49 -25.54 22.31
N GLU B 285 -24.00 -24.77 21.36
CA GLU B 285 -23.84 -25.24 19.98
C GLU B 285 -22.72 -26.27 19.87
N LYS C 13 -8.02 -28.71 -3.73
CA LYS C 13 -9.27 -27.95 -3.72
C LYS C 13 -9.89 -27.93 -5.11
N ARG C 14 -9.56 -26.92 -5.89
CA ARG C 14 -10.05 -26.79 -7.26
C ARG C 14 -8.93 -26.72 -8.29
N TYR C 15 -7.67 -26.64 -7.89
CA TYR C 15 -6.54 -26.53 -8.79
C TYR C 15 -5.69 -27.78 -8.71
N GLU C 16 -5.26 -28.26 -9.88
CA GLU C 16 -4.32 -29.37 -9.97
C GLU C 16 -2.89 -28.81 -9.96
N LYS C 17 -1.92 -29.66 -10.30
CA LYS C 17 -0.54 -29.23 -10.49
C LYS C 17 -0.04 -29.81 -11.80
N LEU C 18 0.54 -28.95 -12.65
CA LEU C 18 0.93 -29.35 -13.99
C LEU C 18 2.43 -29.26 -14.22
N ASP C 19 3.04 -28.12 -13.92
CA ASP C 19 4.44 -27.92 -14.25
C ASP C 19 5.10 -27.01 -13.24
N PHE C 20 6.22 -27.46 -12.67
CA PHE C 20 7.01 -26.62 -11.78
C PHE C 20 7.55 -25.43 -12.56
N LEU C 21 7.41 -24.24 -11.98
CA LEU C 21 7.83 -23.01 -12.64
C LEU C 21 9.03 -22.35 -11.98
N GLY C 22 9.10 -22.35 -10.66
CA GLY C 22 10.23 -21.69 -10.01
C GLY C 22 10.24 -21.93 -8.52
N GLU C 23 11.35 -21.51 -7.90
CA GLU C 23 11.56 -21.74 -6.48
C GLU C 23 12.39 -20.59 -5.93
N GLY C 24 11.88 -19.94 -4.88
CA GLY C 24 12.55 -18.80 -4.31
C GLY C 24 12.79 -18.91 -2.81
N GLN C 25 13.12 -17.78 -2.18
CA GLN C 25 13.40 -17.79 -0.75
C GLN C 25 12.16 -18.07 0.08
N PHE C 26 10.98 -17.71 -0.43
CA PHE C 26 9.76 -17.77 0.36
C PHE C 26 8.68 -18.67 -0.21
N ALA C 27 8.75 -19.06 -1.48
CA ALA C 27 7.63 -19.75 -2.10
C ALA C 27 8.12 -20.58 -3.29
N THR C 28 7.25 -21.49 -3.74
CA THR C 28 7.47 -22.24 -4.96
C THR C 28 6.28 -22.03 -5.89
N VAL C 29 6.57 -21.87 -7.18
CA VAL C 29 5.57 -21.52 -8.17
C VAL C 29 5.41 -22.67 -9.15
N TYR C 30 4.17 -23.12 -9.35
CA TYR C 30 3.84 -24.12 -10.35
C TYR C 30 2.64 -23.64 -11.16
N LYS C 31 2.30 -24.40 -12.19
CA LYS C 31 1.15 -24.11 -13.04
C LYS C 31 -0.05 -24.94 -12.64
N ALA C 32 -1.23 -24.49 -13.06
CA ALA C 32 -2.47 -25.18 -12.78
C ALA C 32 -3.53 -24.68 -13.76
N ARG C 33 -4.69 -25.32 -13.72
CA ARG C 33 -5.83 -24.88 -14.52
C ARG C 33 -6.96 -24.39 -13.62
N ILE C 40 -5.11 -21.01 -18.01
CA ILE C 40 -4.05 -21.51 -17.14
C ILE C 40 -3.70 -20.44 -16.12
N VAL C 41 -3.38 -20.87 -14.90
CA VAL C 41 -3.00 -19.99 -13.81
C VAL C 41 -1.69 -20.50 -13.20
N ALA C 42 -1.08 -19.65 -12.38
CA ALA C 42 0.13 -20.00 -11.66
C ALA C 42 -0.15 -19.91 -10.16
N ILE C 43 0.16 -20.98 -9.45
CA ILE C 43 0.00 -21.04 -8.00
C ILE C 43 1.36 -20.85 -7.34
N LYS C 44 1.42 -19.90 -6.44
CA LYS C 44 2.60 -19.61 -5.63
C LYS C 44 2.29 -20.10 -4.22
N LYS C 45 2.81 -21.28 -3.88
CA LYS C 45 2.63 -21.85 -2.56
C LYS C 45 3.72 -21.32 -1.64
N ILE C 46 3.32 -20.74 -0.51
CA ILE C 46 4.28 -20.06 0.35
C ILE C 46 4.77 -20.98 1.46
N LYS C 55 4.30 -21.00 14.48
CA LYS C 55 3.42 -20.22 15.33
C LYS C 55 3.30 -18.78 14.86
N ASP C 56 4.05 -18.43 13.80
CA ASP C 56 4.03 -17.06 13.31
C ASP C 56 2.75 -16.75 12.55
N GLY C 57 2.12 -17.76 11.96
CA GLY C 57 0.90 -17.57 11.20
C GLY C 57 1.13 -17.53 9.70
N ILE C 58 0.14 -16.99 9.00
CA ILE C 58 0.24 -16.84 7.55
C ILE C 58 1.46 -16.01 7.20
N ASN C 59 2.20 -16.46 6.18
CA ASN C 59 3.46 -15.82 5.84
C ASN C 59 3.25 -14.37 5.42
N ARG C 60 4.12 -13.50 5.93
CA ARG C 60 3.97 -12.07 5.68
C ARG C 60 4.23 -11.71 4.22
N THR C 61 5.04 -12.51 3.52
CA THR C 61 5.29 -12.24 2.10
C THR C 61 4.02 -12.40 1.29
N ALA C 62 3.28 -13.49 1.54
CA ALA C 62 2.01 -13.71 0.84
C ALA C 62 1.01 -12.62 1.17
N LEU C 63 0.95 -12.21 2.45
CA LEU C 63 0.02 -11.16 2.84
C LEU C 63 0.38 -9.83 2.18
N ARG C 64 1.67 -9.52 2.11
CA ARG C 64 2.11 -8.30 1.43
C ARG C 64 1.72 -8.33 -0.04
N GLU C 65 1.95 -9.46 -0.70
CA GLU C 65 1.56 -9.59 -2.10
C GLU C 65 0.05 -9.41 -2.28
N ILE C 66 -0.74 -10.05 -1.41
CA ILE C 66 -2.20 -9.95 -1.52
C ILE C 66 -2.64 -8.51 -1.32
N LYS C 67 -2.18 -7.89 -0.22
CA LYS C 67 -2.64 -6.55 0.14
C LYS C 67 -2.25 -5.53 -0.92
N LEU C 68 -1.08 -5.69 -1.55
CA LEU C 68 -0.67 -4.71 -2.55
C LEU C 68 -1.34 -4.96 -3.89
N LEU C 69 -1.41 -6.21 -4.35
CA LEU C 69 -1.99 -6.48 -5.65
C LEU C 69 -3.50 -6.33 -5.66
N GLN C 70 -4.14 -6.32 -4.49
CA GLN C 70 -5.58 -6.08 -4.48
C GLN C 70 -5.92 -4.61 -4.74
N GLU C 71 -5.00 -3.69 -4.41
CA GLU C 71 -5.23 -2.27 -4.56
C GLU C 71 -4.70 -1.70 -5.87
N LEU C 72 -4.11 -2.53 -6.73
CA LEU C 72 -3.50 -2.07 -7.97
C LEU C 72 -4.16 -2.72 -9.16
N SER C 73 -4.38 -1.93 -10.21
CA SER C 73 -4.98 -2.45 -11.44
C SER C 73 -4.36 -1.70 -12.62
N HIS C 74 -3.44 -2.36 -13.31
CA HIS C 74 -2.74 -1.78 -14.45
C HIS C 74 -2.31 -2.90 -15.38
N PRO C 75 -2.33 -2.68 -16.69
CA PRO C 75 -1.95 -3.75 -17.62
C PRO C 75 -0.52 -4.24 -17.47
N ASN C 76 0.38 -3.45 -16.88
CA ASN C 76 1.77 -3.84 -16.72
C ASN C 76 2.11 -4.19 -15.28
N ILE C 77 1.11 -4.65 -14.52
CA ILE C 77 1.30 -5.16 -13.18
C ILE C 77 0.54 -6.47 -13.06
N ILE C 78 1.18 -7.47 -12.46
CA ILE C 78 0.56 -8.78 -12.35
C ILE C 78 -0.71 -8.69 -11.50
N GLY C 79 -1.76 -9.37 -11.96
CA GLY C 79 -3.05 -9.34 -11.28
C GLY C 79 -3.25 -10.60 -10.46
N LEU C 80 -3.54 -10.40 -9.17
CA LEU C 80 -3.89 -11.51 -8.29
C LEU C 80 -5.34 -11.93 -8.54
N LEU C 81 -5.55 -13.23 -8.72
CA LEU C 81 -6.87 -13.76 -9.05
C LEU C 81 -7.54 -14.49 -7.90
N ASP C 82 -6.78 -15.12 -7.02
CA ASP C 82 -7.35 -15.91 -5.94
C ASP C 82 -6.29 -16.13 -4.87
N ALA C 83 -6.75 -16.56 -3.69
CA ALA C 83 -5.87 -16.95 -2.61
C ALA C 83 -6.62 -17.93 -1.72
N PHE C 84 -5.93 -19.00 -1.30
CA PHE C 84 -6.55 -20.06 -0.54
C PHE C 84 -5.49 -20.73 0.32
N GLY C 85 -5.94 -21.54 1.27
CA GLY C 85 -5.02 -22.26 2.12
C GLY C 85 -5.76 -23.00 3.22
N HIS C 86 -5.03 -23.31 4.29
CA HIS C 86 -5.59 -23.98 5.45
C HIS C 86 -4.71 -23.68 6.64
N LYS C 87 -5.32 -23.18 7.72
CA LYS C 87 -4.62 -22.79 8.94
C LYS C 87 -3.57 -21.75 8.56
N SER C 88 -2.27 -22.01 8.76
CA SER C 88 -1.24 -21.04 8.46
C SER C 88 -0.69 -21.16 7.05
N ASN C 89 -1.07 -22.19 6.30
CA ASN C 89 -0.61 -22.35 4.93
C ASN C 89 -1.38 -21.43 4.00
N ILE C 90 -0.71 -20.99 2.93
CA ILE C 90 -1.30 -20.06 1.98
C ILE C 90 -0.69 -20.28 0.60
N SER C 91 -1.55 -20.19 -0.41
CA SER C 91 -1.15 -20.21 -1.81
C SER C 91 -1.86 -19.08 -2.53
N LEU C 92 -1.14 -18.39 -3.41
CA LEU C 92 -1.71 -17.31 -4.21
C LEU C 92 -1.87 -17.77 -5.65
N VAL C 93 -2.88 -17.24 -6.32
CA VAL C 93 -3.18 -17.59 -7.70
C VAL C 93 -3.03 -16.35 -8.56
N PHE C 94 -2.27 -16.47 -9.64
CA PHE C 94 -2.09 -15.41 -10.62
C PHE C 94 -2.41 -15.94 -12.00
N ASP C 95 -2.60 -15.03 -12.94
CA ASP C 95 -2.65 -15.44 -14.34
C ASP C 95 -1.31 -16.05 -14.74
N PHE C 96 -1.35 -17.03 -15.64
CA PHE C 96 -0.13 -17.65 -16.11
C PHE C 96 0.58 -16.72 -17.09
N MET C 97 1.85 -16.48 -16.86
CA MET C 97 2.66 -15.59 -17.67
C MET C 97 3.62 -16.44 -18.48
N GLU C 98 3.65 -16.22 -19.79
CA GLU C 98 4.32 -17.17 -20.69
C GLU C 98 5.82 -17.25 -20.42
N THR C 99 6.49 -16.12 -20.25
CA THR C 99 7.94 -16.11 -20.08
C THR C 99 8.31 -14.99 -19.11
N ASP C 100 9.62 -14.73 -19.01
CA ASP C 100 10.14 -13.59 -18.27
C ASP C 100 11.29 -13.00 -19.07
N LEU C 101 11.74 -11.83 -18.64
CA LEU C 101 12.79 -11.13 -19.38
C LEU C 101 14.13 -11.84 -19.26
N GLU C 102 14.36 -12.58 -18.18
CA GLU C 102 15.62 -13.31 -18.05
C GLU C 102 15.75 -14.39 -19.11
N VAL C 103 14.66 -15.09 -19.40
CA VAL C 103 14.69 -16.11 -20.45
C VAL C 103 14.97 -15.46 -21.80
N ILE C 104 14.38 -14.30 -22.05
CA ILE C 104 14.62 -13.59 -23.31
C ILE C 104 16.09 -13.19 -23.42
N ILE C 105 16.63 -12.61 -22.35
CA ILE C 105 18.01 -12.13 -22.37
C ILE C 105 18.98 -13.29 -22.56
N LYS C 106 18.76 -14.38 -21.82
CA LYS C 106 19.66 -15.52 -21.87
C LYS C 106 19.51 -16.34 -23.15
N ASP C 107 18.48 -16.09 -23.94
CA ASP C 107 18.25 -16.85 -25.16
C ASP C 107 19.17 -16.31 -26.25
N ASN C 108 20.19 -17.10 -26.61
CA ASN C 108 21.18 -16.66 -27.58
C ASN C 108 20.62 -16.60 -29.00
N SER C 109 19.48 -17.23 -29.26
CA SER C 109 18.91 -17.27 -30.60
C SER C 109 17.99 -16.09 -30.91
N LEU C 110 17.64 -15.28 -29.92
CA LEU C 110 16.75 -14.15 -30.11
C LEU C 110 17.57 -12.86 -30.22
N VAL C 111 17.32 -12.11 -31.29
CA VAL C 111 17.96 -10.82 -31.50
C VAL C 111 17.13 -9.75 -30.81
N LEU C 112 17.77 -8.95 -29.97
CA LEU C 112 17.10 -7.86 -29.25
C LEU C 112 17.33 -6.57 -30.03
N THR C 113 16.44 -6.31 -30.98
CA THR C 113 16.52 -5.10 -31.79
C THR C 113 16.26 -3.87 -30.92
N PRO C 114 16.70 -2.70 -31.36
CA PRO C 114 16.42 -1.49 -30.56
C PRO C 114 14.95 -1.27 -30.29
N SER C 115 14.08 -1.63 -31.24
CA SER C 115 12.64 -1.51 -31.02
C SER C 115 12.16 -2.46 -29.93
N HIS C 116 12.67 -3.70 -29.91
CA HIS C 116 12.29 -4.64 -28.87
C HIS C 116 12.70 -4.13 -27.49
N ILE C 117 13.94 -3.64 -27.39
CA ILE C 117 14.42 -3.08 -26.12
C ILE C 117 13.57 -1.90 -25.71
N LYS C 118 13.23 -1.03 -26.67
CA LYS C 118 12.40 0.12 -26.34
C LYS C 118 11.03 -0.31 -25.83
N ALA C 119 10.44 -1.32 -26.46
CA ALA C 119 9.12 -1.79 -26.04
C ALA C 119 9.16 -2.37 -24.63
N TYR C 120 10.17 -3.21 -24.34
CA TYR C 120 10.30 -3.76 -22.99
C TYR C 120 10.47 -2.65 -21.97
N MET C 121 11.35 -1.69 -22.26
CA MET C 121 11.61 -0.60 -21.34
C MET C 121 10.36 0.25 -21.15
N LEU C 122 9.59 0.45 -22.21
CA LEU C 122 8.38 1.25 -22.14
C LEU C 122 7.32 0.59 -21.27
N MET C 123 7.08 -0.71 -21.47
CA MET C 123 6.10 -1.40 -20.63
C MET C 123 6.54 -1.41 -19.17
N THR C 124 7.84 -1.68 -18.93
CA THR C 124 8.36 -1.65 -17.58
C THR C 124 8.14 -0.28 -16.94
N LEU C 125 8.44 0.78 -17.68
CA LEU C 125 8.33 2.12 -17.13
C LEU C 125 6.88 2.54 -16.91
N GLN C 126 5.97 2.11 -17.78
CA GLN C 126 4.56 2.44 -17.57
C GLN C 126 4.01 1.74 -16.33
N GLY C 127 4.33 0.45 -16.17
CA GLY C 127 3.96 -0.23 -14.95
C GLY C 127 4.55 0.42 -13.72
N LEU C 128 5.82 0.82 -13.81
CA LEU C 128 6.49 1.43 -12.67
C LEU C 128 5.93 2.81 -12.37
N GLU C 129 5.55 3.58 -13.38
CA GLU C 129 4.92 4.86 -13.16
C GLU C 129 3.59 4.69 -12.44
N TYR C 130 2.77 3.75 -12.91
CA TYR C 130 1.51 3.48 -12.23
C TYR C 130 1.76 3.06 -10.78
N LEU C 131 2.76 2.19 -10.57
CA LEU C 131 3.07 1.73 -9.22
C LEU C 131 3.52 2.88 -8.34
N HIS C 132 4.34 3.79 -8.89
CA HIS C 132 4.90 4.88 -8.10
C HIS C 132 3.89 5.96 -7.78
N GLN C 133 2.93 6.23 -8.68
CA GLN C 133 1.87 7.19 -8.33
C GLN C 133 1.06 6.70 -7.15
N HIS C 134 0.91 5.38 -6.99
CA HIS C 134 0.25 4.80 -5.83
C HIS C 134 1.22 4.55 -4.70
N TRP C 135 2.40 5.17 -4.75
CA TRP C 135 3.33 5.22 -3.63
C TRP C 135 3.76 3.83 -3.18
N ILE C 136 4.06 2.96 -4.15
CA ILE C 136 4.57 1.62 -3.88
C ILE C 136 5.86 1.41 -4.67
N LEU C 137 6.91 0.97 -3.99
CA LEU C 137 8.16 0.57 -4.62
C LEU C 137 8.18 -0.95 -4.79
N HIS C 138 8.63 -1.40 -5.96
CA HIS C 138 8.73 -2.84 -6.20
C HIS C 138 9.84 -3.47 -5.38
N ARG C 139 11.03 -2.88 -5.42
CA ARG C 139 12.20 -3.28 -4.65
C ARG C 139 12.74 -4.67 -5.01
N ASP C 140 12.25 -5.28 -6.09
CA ASP C 140 12.80 -6.55 -6.55
C ASP C 140 12.88 -6.60 -8.06
N LEU C 141 13.13 -5.46 -8.71
CA LEU C 141 13.15 -5.43 -10.16
C LEU C 141 14.36 -6.17 -10.70
N LYS C 142 14.11 -7.07 -11.63
CA LYS C 142 15.13 -7.86 -12.30
C LYS C 142 14.46 -8.60 -13.45
N PRO C 143 15.24 -9.07 -14.44
CA PRO C 143 14.61 -9.65 -15.64
C PRO C 143 13.66 -10.80 -15.36
N ASN C 144 13.91 -11.63 -14.35
CA ASN C 144 13.01 -12.76 -14.12
C ASN C 144 11.75 -12.36 -13.38
N ASN C 145 11.67 -11.15 -12.84
CA ASN C 145 10.44 -10.63 -12.25
C ASN C 145 9.62 -9.83 -13.25
N LEU C 146 10.12 -9.65 -14.48
CA LEU C 146 9.37 -8.98 -15.55
C LEU C 146 8.81 -10.07 -16.45
N LEU C 147 7.53 -10.37 -16.28
CA LEU C 147 6.93 -11.50 -16.99
C LEU C 147 6.26 -11.03 -18.28
N LEU C 148 6.24 -11.91 -19.26
CA LEU C 148 5.64 -11.63 -20.56
C LEU C 148 4.63 -12.72 -20.90
N ASP C 149 3.51 -12.32 -21.49
CA ASP C 149 2.50 -13.28 -21.92
C ASP C 149 2.64 -13.53 -23.42
N GLU C 150 1.79 -14.42 -23.94
CA GLU C 150 1.82 -14.75 -25.35
C GLU C 150 1.43 -13.57 -26.23
N ASN C 151 0.78 -12.54 -25.66
CA ASN C 151 0.45 -11.34 -26.39
C ASN C 151 1.52 -10.27 -26.32
N GLY C 152 2.53 -10.43 -25.47
CA GLY C 152 3.64 -9.51 -25.39
C GLY C 152 3.51 -8.42 -24.36
N VAL C 153 2.55 -8.51 -23.45
CA VAL C 153 2.36 -7.49 -22.42
C VAL C 153 3.28 -7.81 -21.25
N LEU C 154 4.15 -6.87 -20.90
CA LEU C 154 5.07 -7.05 -19.79
C LEU C 154 4.39 -6.63 -18.49
N LYS C 155 4.50 -7.49 -17.47
CA LYS C 155 3.93 -7.22 -16.17
C LYS C 155 4.99 -7.38 -15.10
N LEU C 156 5.08 -6.40 -14.21
CA LEU C 156 5.89 -6.57 -13.02
C LEU C 156 5.26 -7.64 -12.13
N ALA C 157 6.12 -8.50 -11.55
CA ALA C 157 5.64 -9.59 -10.73
C ALA C 157 6.49 -9.68 -9.47
N ASP C 158 6.12 -10.63 -8.61
CA ASP C 158 6.83 -10.93 -7.37
C ASP C 158 6.90 -9.69 -6.48
N PHE C 159 5.73 -9.30 -5.99
CA PHE C 159 5.60 -8.17 -5.08
C PHE C 159 5.82 -8.57 -3.62
N GLY C 160 6.46 -9.71 -3.37
CA GLY C 160 6.72 -10.14 -2.01
C GLY C 160 7.65 -9.24 -1.24
N LEU C 161 8.40 -8.37 -1.92
CA LEU C 161 9.27 -7.41 -1.27
C LEU C 161 8.81 -5.97 -1.48
N ALA C 162 7.75 -5.76 -2.25
CA ALA C 162 7.25 -4.42 -2.52
C ALA C 162 6.72 -3.77 -1.26
N LYS C 163 6.90 -2.45 -1.16
CA LYS C 163 6.44 -1.71 0.00
C LYS C 163 5.98 -0.33 -0.41
N SER C 164 5.08 0.24 0.40
CA SER C 164 4.59 1.59 0.17
C SER C 164 5.62 2.60 0.66
N PHE C 165 5.82 3.66 -0.10
CA PHE C 165 6.77 4.70 0.27
C PHE C 165 6.08 6.06 0.30
N GLY C 166 6.76 7.01 0.94
CA GLY C 166 6.23 8.34 1.14
C GLY C 166 5.93 8.70 2.58
N SER C 167 6.28 7.85 3.53
CA SER C 167 6.04 8.10 4.95
C SER C 167 7.37 8.12 5.70
N PRO C 168 7.71 9.23 6.37
CA PRO C 168 9.00 9.27 7.09
C PRO C 168 9.11 8.24 8.21
N ASN C 169 8.00 7.92 8.88
CA ASN C 169 8.06 7.06 10.05
C ASN C 169 8.15 5.57 9.73
N ARG C 170 8.05 5.19 8.45
CA ARG C 170 8.16 3.79 8.06
C ARG C 170 9.61 3.50 7.68
N ALA C 171 10.29 2.72 8.51
CA ALA C 171 11.68 2.36 8.24
C ALA C 171 11.75 1.20 7.24
N TYR C 172 12.79 1.23 6.41
CA TYR C 172 13.06 0.18 5.42
C TYR C 172 14.40 -0.46 5.72
N THR C 173 14.60 -1.65 5.15
CA THR C 173 15.87 -2.35 5.23
C THR C 173 16.60 -2.20 3.90
N HIS C 174 17.92 -2.04 3.98
CA HIS C 174 18.71 -1.81 2.78
C HIS C 174 19.07 -3.08 2.04
N GLN C 175 18.78 -4.25 2.60
CA GLN C 175 19.04 -5.52 1.91
C GLN C 175 17.88 -5.90 0.99
N VAL C 176 17.47 -4.96 0.16
CA VAL C 176 16.42 -5.18 -0.82
C VAL C 176 17.04 -5.09 -2.21
N VAL C 177 16.30 -5.63 -3.19
CA VAL C 177 16.74 -5.77 -4.58
C VAL C 177 17.88 -6.78 -4.66
N THR C 178 17.89 -7.58 -5.72
CA THR C 178 19.02 -8.46 -5.97
C THR C 178 20.29 -7.63 -6.11
N ARG C 179 21.42 -8.21 -5.66
CA ARG C 179 22.66 -7.44 -5.56
C ARG C 179 23.08 -6.86 -6.91
N TRP C 180 22.92 -7.64 -7.98
CA TRP C 180 23.34 -7.17 -9.31
C TRP C 180 22.55 -5.95 -9.77
N TYR C 181 21.35 -5.76 -9.24
CA TYR C 181 20.47 -4.65 -9.62
C TYR C 181 20.26 -3.68 -8.48
N ARG C 182 21.01 -3.81 -7.40
CA ARG C 182 20.86 -2.94 -6.24
C ARG C 182 21.48 -1.58 -6.51
N ALA C 183 20.73 -0.53 -6.19
CA ALA C 183 21.22 0.83 -6.37
C ALA C 183 22.36 1.13 -5.38
N PRO C 184 23.29 2.01 -5.76
CA PRO C 184 24.42 2.30 -4.86
C PRO C 184 24.01 2.87 -3.52
N GLU C 185 22.92 3.66 -3.46
CA GLU C 185 22.46 4.14 -2.17
C GLU C 185 21.97 3.00 -1.29
N LEU C 186 21.36 1.97 -1.89
CA LEU C 186 21.00 0.78 -1.12
C LEU C 186 22.25 0.06 -0.62
N LEU C 187 23.24 -0.11 -1.50
CA LEU C 187 24.48 -0.75 -1.11
C LEU C 187 25.23 0.05 -0.06
N PHE C 188 24.99 1.37 0.02
CA PHE C 188 25.56 2.20 1.07
C PHE C 188 24.68 2.25 2.31
N GLY C 189 23.60 1.48 2.35
CA GLY C 189 22.80 1.35 3.55
C GLY C 189 21.69 2.37 3.72
N ALA C 190 21.17 2.92 2.63
CA ALA C 190 20.08 3.89 2.74
C ALA C 190 18.85 3.24 3.34
N ARG C 191 18.45 3.71 4.52
CA ARG C 191 17.21 3.22 5.13
C ARG C 191 15.99 3.81 4.44
N MET C 192 16.02 5.09 4.12
CA MET C 192 14.93 5.76 3.44
C MET C 192 15.34 6.04 2.01
N TYR C 193 14.44 5.73 1.07
CA TYR C 193 14.74 5.86 -0.35
C TYR C 193 13.44 5.95 -1.12
N GLY C 194 13.55 6.36 -2.38
CA GLY C 194 12.39 6.55 -3.21
C GLY C 194 12.37 5.68 -4.45
N VAL C 195 11.80 6.21 -5.55
CA VAL C 195 11.66 5.43 -6.77
C VAL C 195 13.01 5.13 -7.40
N GLY C 196 14.08 5.82 -7.00
CA GLY C 196 15.38 5.60 -7.60
C GLY C 196 15.85 4.17 -7.47
N VAL C 197 15.56 3.53 -6.33
CA VAL C 197 15.98 2.15 -6.14
C VAL C 197 15.36 1.26 -7.22
N ASP C 198 14.14 1.56 -7.64
CA ASP C 198 13.58 0.86 -8.79
C ASP C 198 14.22 1.35 -10.07
N MET C 199 14.37 2.67 -10.21
CA MET C 199 14.89 3.23 -11.45
C MET C 199 16.28 2.68 -11.77
N TRP C 200 17.14 2.64 -10.77
CA TRP C 200 18.47 2.06 -10.96
C TRP C 200 18.37 0.64 -11.46
N ALA C 201 17.52 -0.17 -10.82
CA ALA C 201 17.33 -1.54 -11.31
C ALA C 201 16.88 -1.52 -12.75
N VAL C 202 15.97 -0.60 -13.08
CA VAL C 202 15.52 -0.46 -14.46
C VAL C 202 16.73 -0.24 -15.37
N GLY C 203 17.61 0.68 -14.98
CA GLY C 203 18.81 0.91 -15.77
C GLY C 203 19.62 -0.35 -15.93
N CYS C 204 19.82 -1.08 -14.83
CA CYS C 204 20.57 -2.33 -14.92
C CYS C 204 19.90 -3.27 -15.90
N ILE C 205 18.57 -3.38 -15.83
CA ILE C 205 17.86 -4.25 -16.75
C ILE C 205 18.11 -3.78 -18.18
N LEU C 206 18.01 -2.47 -18.40
CA LEU C 206 18.30 -1.93 -19.72
C LEU C 206 19.69 -2.33 -20.17
N ALA C 207 20.68 -2.20 -19.28
CA ALA C 207 22.03 -2.61 -19.63
C ALA C 207 22.07 -4.09 -19.96
N GLU C 208 21.40 -4.91 -19.13
CA GLU C 208 21.37 -6.34 -19.41
C GLU C 208 20.66 -6.62 -20.73
N LEU C 209 19.70 -5.77 -21.12
CA LEU C 209 19.08 -5.91 -22.42
C LEU C 209 20.08 -5.62 -23.53
N LEU C 210 20.92 -4.60 -23.35
CA LEU C 210 21.82 -4.19 -24.42
C LEU C 210 23.00 -5.15 -24.58
N LEU C 211 23.56 -5.63 -23.47
CA LEU C 211 24.74 -6.49 -23.52
C LEU C 211 24.41 -7.97 -23.56
N ARG C 212 23.20 -8.37 -23.17
CA ARG C 212 22.74 -9.76 -23.04
C ARG C 212 23.43 -10.50 -21.90
N VAL C 213 24.22 -9.81 -21.09
CA VAL C 213 24.83 -10.40 -19.89
C VAL C 213 24.57 -9.45 -18.74
N PRO C 214 24.60 -9.95 -17.50
CA PRO C 214 24.45 -9.07 -16.34
C PRO C 214 25.46 -7.95 -16.37
N PHE C 215 24.97 -6.72 -16.18
CA PHE C 215 25.82 -5.54 -16.33
C PHE C 215 26.88 -5.47 -15.24
N LEU C 216 26.48 -5.65 -13.99
CA LEU C 216 27.35 -5.47 -12.84
C LEU C 216 27.27 -6.70 -11.94
N PRO C 217 27.86 -7.82 -12.37
CA PRO C 217 27.72 -9.09 -11.63
C PRO C 217 28.67 -9.16 -10.42
N GLY C 218 28.34 -8.42 -9.38
CA GLY C 218 29.16 -8.45 -8.18
C GLY C 218 28.99 -9.73 -7.40
N ASP C 219 29.99 -10.02 -6.57
CA ASP C 219 29.98 -11.19 -5.71
C ASP C 219 29.68 -10.85 -4.26
N SER C 220 29.67 -9.56 -3.91
CA SER C 220 29.34 -9.10 -2.57
C SER C 220 28.94 -7.64 -2.67
N ASP C 221 28.49 -7.09 -1.55
CA ASP C 221 28.16 -5.66 -1.53
C ASP C 221 29.38 -4.82 -1.88
N LEU C 222 30.53 -5.16 -1.30
CA LEU C 222 31.76 -4.47 -1.64
C LEU C 222 32.12 -4.67 -3.11
N ASP C 223 31.99 -5.92 -3.60
CA ASP C 223 32.27 -6.20 -5.00
C ASP C 223 31.29 -5.48 -5.92
N GLN C 224 30.01 -5.44 -5.53
CA GLN C 224 29.01 -4.74 -6.33
C GLN C 224 29.33 -3.25 -6.43
N LEU C 225 29.67 -2.62 -5.30
CA LEU C 225 30.04 -1.21 -5.32
C LEU C 225 31.29 -0.99 -6.15
N THR C 226 32.28 -1.88 -6.03
CA THR C 226 33.50 -1.75 -6.81
C THR C 226 33.21 -1.82 -8.30
N ARG C 227 32.36 -2.76 -8.73
CA ARG C 227 32.04 -2.87 -10.15
C ARG C 227 31.28 -1.65 -10.63
N ILE C 228 30.35 -1.14 -9.82
CA ILE C 228 29.60 0.05 -10.19
C ILE C 228 30.56 1.23 -10.40
N PHE C 229 31.47 1.43 -9.45
CA PHE C 229 32.34 2.59 -9.51
C PHE C 229 33.43 2.43 -10.57
N GLU C 230 33.85 1.20 -10.87
CA GLU C 230 34.83 0.97 -11.92
C GLU C 230 34.23 1.06 -13.31
N THR C 231 32.92 0.86 -13.45
CA THR C 231 32.30 1.00 -14.76
C THR C 231 31.81 2.43 -14.99
N LEU C 232 31.10 3.00 -14.04
CA LEU C 232 30.48 4.32 -14.19
C LEU C 232 31.29 5.45 -13.58
N GLY C 233 32.46 5.16 -13.01
CA GLY C 233 33.24 6.18 -12.35
C GLY C 233 32.81 6.37 -10.91
N THR C 234 33.75 6.62 -10.01
CA THR C 234 33.41 6.85 -8.62
C THR C 234 32.78 8.22 -8.47
N PRO C 235 31.52 8.32 -8.02
CA PRO C 235 30.89 9.63 -7.88
C PRO C 235 31.53 10.42 -6.74
N THR C 236 31.50 11.74 -6.91
CA THR C 236 31.96 12.67 -5.89
C THR C 236 30.76 13.35 -5.23
N GLU C 237 31.05 14.30 -4.35
CA GLU C 237 29.98 15.03 -3.70
C GLU C 237 29.21 15.89 -4.69
N GLU C 238 29.84 16.30 -5.79
CA GLU C 238 29.16 17.14 -6.76
C GLU C 238 27.99 16.43 -7.41
N GLN C 239 28.17 15.16 -7.78
CA GLN C 239 27.10 14.37 -8.38
C GLN C 239 26.28 13.61 -7.35
N TRP C 240 26.61 13.73 -6.07
CA TRP C 240 25.88 13.06 -4.99
C TRP C 240 26.18 13.83 -3.69
N PRO C 241 25.44 14.90 -3.41
CA PRO C 241 25.85 15.81 -2.33
C PRO C 241 25.96 15.18 -0.96
N ASP C 242 25.14 14.19 -0.64
CA ASP C 242 25.12 13.61 0.70
C ASP C 242 25.56 12.16 0.70
N MET C 243 26.38 11.76 -0.27
CA MET C 243 26.82 10.36 -0.35
C MET C 243 27.55 9.92 0.92
N CYS C 244 28.21 10.84 1.62
CA CYS C 244 28.97 10.51 2.82
C CYS C 244 28.11 10.41 4.07
N SER C 245 26.81 10.64 3.95
CA SER C 245 25.92 10.55 5.11
C SER C 245 25.26 9.17 5.25
N LEU C 246 25.28 8.36 4.20
CA LEU C 246 24.69 7.04 4.28
C LEU C 246 25.47 6.17 5.27
N PRO C 247 24.78 5.32 6.04
CA PRO C 247 25.46 4.66 7.17
C PRO C 247 26.64 3.79 6.78
N ASP C 248 26.46 2.88 5.83
CA ASP C 248 27.55 2.03 5.37
C ASP C 248 28.25 2.62 4.15
N TYR C 249 28.67 3.89 4.26
CA TYR C 249 29.39 4.51 3.15
C TYR C 249 30.87 4.18 3.26
N VAL C 250 31.43 3.65 2.17
CA VAL C 250 32.84 3.26 2.12
C VAL C 250 33.47 3.97 0.93
N THR C 251 34.61 4.62 1.17
CA THR C 251 35.31 5.33 0.11
C THR C 251 35.98 4.35 -0.85
N PHE C 252 36.06 4.75 -2.11
CA PHE C 252 36.69 3.96 -3.15
C PHE C 252 37.67 4.83 -3.93
N LYS C 253 38.62 4.19 -4.59
CA LYS C 253 39.52 4.89 -5.48
C LYS C 253 38.72 5.56 -6.59
N SER C 254 39.14 6.77 -6.98
CA SER C 254 38.41 7.54 -7.97
C SER C 254 38.62 6.97 -9.36
N PHE C 255 37.78 6.00 -9.74
CA PHE C 255 37.86 5.44 -11.08
C PHE C 255 37.38 6.46 -12.10
N PRO C 256 38.08 6.64 -13.21
CA PRO C 256 37.56 7.53 -14.26
C PRO C 256 36.22 7.08 -14.83
N GLY C 257 36.00 5.77 -14.89
CA GLY C 257 34.75 5.25 -15.43
C GLY C 257 34.77 5.16 -16.93
N ILE C 258 34.37 4.02 -17.47
CA ILE C 258 34.35 3.87 -18.93
C ILE C 258 33.21 4.72 -19.49
N PRO C 259 33.47 5.59 -20.46
CA PRO C 259 32.38 6.40 -21.03
C PRO C 259 31.31 5.51 -21.63
N LEU C 260 30.05 5.95 -21.49
CA LEU C 260 28.92 5.08 -21.80
C LEU C 260 28.90 4.66 -23.26
N HIS C 261 29.46 5.47 -24.16
CA HIS C 261 29.41 5.10 -25.58
C HIS C 261 30.36 3.95 -25.90
N HIS C 262 31.33 3.65 -25.04
CA HIS C 262 32.18 2.48 -25.22
C HIS C 262 31.56 1.22 -24.64
N ILE C 263 30.81 1.34 -23.54
CA ILE C 263 30.11 0.18 -23.00
C ILE C 263 29.05 -0.30 -23.97
N PHE C 264 28.24 0.62 -24.48
CA PHE C 264 27.16 0.32 -25.41
C PHE C 264 27.53 0.96 -26.74
N SER C 265 28.27 0.22 -27.56
CA SER C 265 28.78 0.77 -28.82
C SER C 265 27.65 1.11 -29.78
N ALA C 266 26.62 0.27 -29.84
CA ALA C 266 25.51 0.44 -30.77
C ALA C 266 24.33 1.17 -30.14
N ALA C 267 24.59 2.07 -29.20
CA ALA C 267 23.54 2.84 -28.53
C ALA C 267 23.57 4.28 -29.03
N GLY C 268 22.43 4.77 -29.47
CA GLY C 268 22.32 6.13 -29.97
C GLY C 268 22.41 7.14 -28.84
N ASP C 269 22.43 8.42 -29.24
CA ASP C 269 22.57 9.49 -28.27
C ASP C 269 21.37 9.55 -27.33
N ASP C 270 20.15 9.37 -27.85
CA ASP C 270 18.98 9.40 -26.99
C ASP C 270 18.99 8.24 -26.00
N LEU C 271 19.34 7.04 -26.46
CA LEU C 271 19.45 5.90 -25.56
C LEU C 271 20.54 6.12 -24.53
N LEU C 272 21.65 6.73 -24.94
CA LEU C 272 22.71 7.06 -23.99
C LEU C 272 22.23 8.06 -22.94
N ASP C 273 21.42 9.04 -23.36
CA ASP C 273 20.83 9.97 -22.41
C ASP C 273 19.93 9.25 -21.41
N LEU C 274 19.11 8.33 -21.90
CA LEU C 274 18.24 7.57 -21.01
C LEU C 274 19.05 6.75 -20.01
N ILE C 275 20.09 6.07 -20.49
CA ILE C 275 20.95 5.27 -19.63
C ILE C 275 21.62 6.14 -18.58
N GLN C 276 22.15 7.30 -19.01
CA GLN C 276 22.79 8.21 -18.09
C GLN C 276 21.83 8.69 -17.02
N GLY C 277 20.59 9.01 -17.42
CA GLY C 277 19.60 9.42 -16.44
C GLY C 277 19.25 8.33 -15.45
N LEU C 278 19.11 7.09 -15.95
CA LEU C 278 18.81 5.97 -15.05
C LEU C 278 19.98 5.64 -14.14
N PHE C 279 21.21 5.89 -14.59
CA PHE C 279 22.40 5.54 -13.84
C PHE C 279 23.04 6.72 -13.14
N LEU C 280 22.35 7.85 -13.05
CA LEU C 280 22.83 8.94 -12.22
C LEU C 280 22.99 8.46 -10.78
N PHE C 281 24.12 8.81 -10.17
CA PHE C 281 24.38 8.36 -8.81
C PHE C 281 23.48 9.05 -7.80
N ASN C 282 23.09 10.29 -8.06
CA ASN C 282 22.17 10.99 -7.18
C ASN C 282 20.77 10.41 -7.36
N PRO C 283 20.17 9.79 -6.34
CA PRO C 283 18.81 9.25 -6.50
C PRO C 283 17.77 10.32 -6.79
N CYS C 284 17.91 11.50 -6.19
CA CYS C 284 16.99 12.59 -6.48
C CYS C 284 17.09 13.03 -7.94
N ALA C 285 18.31 13.17 -8.44
CA ALA C 285 18.51 13.56 -9.83
C ALA C 285 18.23 12.42 -10.79
N ARG C 286 18.30 11.17 -10.33
CA ARG C 286 17.98 10.03 -11.18
C ARG C 286 16.57 10.17 -11.71
N ILE C 287 16.40 9.89 -13.00
CA ILE C 287 15.14 10.15 -13.66
C ILE C 287 14.05 9.25 -13.10
N THR C 288 12.88 9.83 -12.84
CA THR C 288 11.74 9.03 -12.42
C THR C 288 11.13 8.34 -13.64
N ALA C 289 10.15 7.47 -13.36
CA ALA C 289 9.48 6.76 -14.45
C ALA C 289 8.78 7.74 -15.38
N THR C 290 8.13 8.77 -14.83
CA THR C 290 7.48 9.77 -15.66
C THR C 290 8.50 10.54 -16.49
N GLN C 291 9.60 10.97 -15.87
CA GLN C 291 10.65 11.67 -16.60
C GLN C 291 11.28 10.78 -17.66
N ALA C 292 11.51 9.51 -17.33
CA ALA C 292 12.06 8.59 -18.31
C ALA C 292 11.14 8.42 -19.49
N LEU C 293 9.83 8.28 -19.23
CA LEU C 293 8.86 8.11 -20.31
C LEU C 293 8.78 9.33 -21.21
N LYS C 294 9.09 10.52 -20.67
CA LYS C 294 9.04 11.75 -21.45
C LYS C 294 10.29 11.97 -22.30
N MET C 295 11.32 11.15 -22.12
CA MET C 295 12.58 11.38 -22.82
C MET C 295 12.43 11.15 -24.31
N LYS C 296 13.29 11.82 -25.08
CA LYS C 296 13.21 11.74 -26.54
C LYS C 296 13.44 10.33 -27.04
N TYR C 297 14.17 9.51 -26.28
CA TYR C 297 14.42 8.13 -26.70
C TYR C 297 13.12 7.39 -26.98
N PHE C 298 12.12 7.57 -26.12
CA PHE C 298 10.84 6.87 -26.31
C PHE C 298 10.01 7.50 -27.42
N SER C 299 10.07 8.82 -27.59
CA SER C 299 9.40 9.49 -28.69
C SER C 299 10.38 9.75 -29.84
N ASN C 300 10.89 8.66 -30.40
CA ASN C 300 11.88 8.73 -31.46
C ASN C 300 11.69 7.56 -32.42
N ARG C 301 12.20 7.72 -33.63
CA ARG C 301 12.29 6.61 -34.55
C ARG C 301 13.41 5.66 -34.11
N PRO C 302 13.19 4.35 -34.14
CA PRO C 302 11.95 3.65 -34.46
C PRO C 302 11.03 3.56 -33.24
N GLY C 303 9.73 3.33 -33.45
CA GLY C 303 8.81 3.19 -32.35
C GLY C 303 8.95 1.85 -31.66
N PRO C 304 8.40 1.75 -30.45
CA PRO C 304 8.49 0.48 -29.72
C PRO C 304 7.77 -0.64 -30.44
N THR C 305 8.30 -1.85 -30.29
CA THR C 305 7.70 -3.01 -30.95
C THR C 305 6.30 -3.27 -30.38
N PRO C 306 5.32 -3.54 -31.22
CA PRO C 306 4.01 -4.00 -30.72
C PRO C 306 4.12 -5.37 -30.09
N GLY C 307 3.18 -5.64 -29.17
CA GLY C 307 3.24 -6.87 -28.39
C GLY C 307 3.20 -8.13 -29.24
N CYS C 308 2.44 -8.10 -30.35
CA CYS C 308 2.31 -9.29 -31.17
C CYS C 308 3.61 -9.69 -31.86
N GLN C 309 4.57 -8.78 -31.96
CA GLN C 309 5.81 -9.04 -32.68
C GLN C 309 7.03 -9.14 -31.77
N LEU C 310 6.87 -8.96 -30.47
CA LEU C 310 7.99 -9.10 -29.56
C LEU C 310 8.52 -10.53 -29.58
N PRO C 311 9.83 -10.73 -29.44
CA PRO C 311 10.39 -12.08 -29.57
C PRO C 311 9.92 -12.99 -28.44
N ARG C 312 9.67 -14.25 -28.79
CA ARG C 312 9.24 -15.26 -27.83
C ARG C 312 10.21 -16.44 -27.93
N PRO C 313 10.69 -16.97 -26.80
CA PRO C 313 11.59 -18.13 -26.77
C PRO C 313 10.83 -19.45 -26.76
#